data_3OID
#
_entry.id   3OID
#
_cell.length_a   58.376
_cell.length_b   110.683
_cell.length_c   85.169
_cell.angle_alpha   90.00
_cell.angle_beta   91.82
_cell.angle_gamma   90.00
#
_symmetry.space_group_name_H-M   'P 1 21 1'
#
loop_
_entity.id
_entity.type
_entity.pdbx_description
1 polymer 'Enoyl-[acyl-carrier-protein] reductase [NADPH]'
2 non-polymer TRICLOSAN
3 non-polymer 'NADPH DIHYDRO-NICOTINAMIDE-ADENINE-DINUCLEOTIDE PHOSPHATE'
4 water water
#
_entity_poly.entity_id   1
_entity_poly.type   'polypeptide(L)'
_entity_poly.pdbx_seq_one_letter_code
;MEQNKCALVTGSSRGVGKAAAIRLAENGYNIVINYARSKKAALETAEEIEKLGVKVLVVKANVGQPAKIKEMFQQIDETF
GRLDVFVNNAASGVLRPVMELEETHWDWTMNINAKALLFCAQEAAKLMEKNGGGHIVSISSLGSIRYLENYTTVGVSKAA
LEALTRYLAVELSPKQIIVNAVSGGAIDTDALKHFPNREDLLEDARQNTPAGRMVEIKDMVDTVEFLVSSKADMIRGQTI
IVDGGRSLLVLEHHHHHH
;
_entity_poly.pdbx_strand_id   A,B,C,D
#
# COMPACT_ATOMS: atom_id res chain seq x y z
N GLN A 3 19.68 32.09 19.71
CA GLN A 3 19.38 31.04 20.68
C GLN A 3 19.45 29.63 20.08
N ASN A 4 18.98 28.70 20.87
CA ASN A 4 18.95 27.34 20.44
C ASN A 4 17.61 26.99 19.86
N LYS A 5 17.59 25.93 19.05
CA LYS A 5 16.35 25.44 18.47
C LYS A 5 15.34 24.99 19.53
N CYS A 6 14.06 24.99 19.15
CA CYS A 6 12.99 24.70 20.11
C CYS A 6 12.11 23.62 19.54
N ALA A 7 11.62 22.75 20.39
CA ALA A 7 10.73 21.62 19.93
C ALA A 7 9.50 21.54 20.77
N LEU A 8 8.34 21.33 20.13
CA LEU A 8 7.11 21.05 20.87
C LEU A 8 6.69 19.63 20.63
N VAL A 9 6.30 18.98 21.69
CA VAL A 9 5.74 17.62 21.59
C VAL A 9 4.37 17.63 22.27
N THR A 10 3.30 17.40 21.50
CA THR A 10 2.01 17.37 22.15
C THR A 10 1.85 16.08 22.95
N GLY A 11 1.14 16.17 24.08
CA GLY A 11 0.91 15.03 24.96
C GLY A 11 2.22 14.43 25.46
N SER A 12 3.04 15.28 26.08
CA SER A 12 4.39 14.85 26.47
C SER A 12 4.56 14.77 28.02
N SER A 13 3.44 14.58 28.73
CA SER A 13 3.53 14.39 30.21
C SER A 13 3.95 12.94 30.52
N ARG A 14 3.69 11.99 29.61
CA ARG A 14 4.08 10.60 29.82
C ARG A 14 4.26 9.90 28.48
N GLY A 15 4.68 8.62 28.55
CA GLY A 15 4.64 7.74 27.38
C GLY A 15 5.60 8.20 26.25
N VAL A 16 5.20 7.93 25.02
CA VAL A 16 6.04 8.24 23.86
C VAL A 16 6.43 9.73 23.85
N GLY A 17 5.42 10.56 24.05
CA GLY A 17 5.66 12.03 23.98
C GLY A 17 6.72 12.47 24.99
N LYS A 18 6.59 12.00 26.23
CA LYS A 18 7.58 12.38 27.26
C LYS A 18 9.00 11.96 26.84
N ALA A 19 9.12 10.73 26.32
CA ALA A 19 10.43 10.19 25.99
C ALA A 19 10.99 10.95 24.79
N ALA A 20 10.10 11.34 23.87
CA ALA A 20 10.56 12.10 22.70
C ALA A 20 11.08 13.45 23.12
N ALA A 21 10.37 14.12 24.03
CA ALA A 21 10.76 15.44 24.53
C ALA A 21 12.14 15.35 25.23
N ILE A 22 12.33 14.30 25.98
CA ILE A 22 13.62 14.08 26.71
C ILE A 22 14.76 13.87 25.70
N ARG A 23 14.49 13.01 24.69
CA ARG A 23 15.53 12.76 23.65
C ARG A 23 15.93 14.07 22.95
N LEU A 24 14.93 14.90 22.57
CA LEU A 24 15.23 16.20 21.91
C LEU A 24 15.98 17.11 22.85
N ALA A 25 15.60 17.09 24.13
CA ALA A 25 16.34 17.92 25.08
C ALA A 25 17.80 17.46 25.18
N GLU A 26 18.00 16.12 25.17
CA GLU A 26 19.37 15.57 25.27
C GLU A 26 20.21 16.02 24.07
N ASN A 27 19.54 16.34 22.96
CA ASN A 27 20.23 16.85 21.80
C ASN A 27 20.29 18.42 21.71
N GLY A 28 19.88 19.10 22.78
CA GLY A 28 20.12 20.55 22.92
C GLY A 28 18.90 21.39 22.60
N TYR A 29 17.74 20.72 22.25
CA TYR A 29 16.53 21.55 22.00
C TYR A 29 15.91 22.09 23.30
N ASN A 30 15.50 23.38 23.29
CA ASN A 30 14.48 23.83 24.30
C ASN A 30 13.16 23.16 24.00
N ILE A 31 12.32 22.92 25.01
CA ILE A 31 11.17 22.03 24.89
C ILE A 31 9.91 22.74 25.32
N VAL A 32 8.84 22.49 24.57
CA VAL A 32 7.49 22.82 25.06
C VAL A 32 6.80 21.50 25.42
N ILE A 33 6.49 21.32 26.69
CA ILE A 33 5.72 20.17 27.17
C ILE A 33 4.23 20.53 27.11
N ASN A 34 3.40 19.57 26.67
CA ASN A 34 1.98 19.88 26.56
C ASN A 34 1.19 18.75 27.22
N TYR A 35 0.06 19.08 27.81
CA TYR A 35 -0.79 18.03 28.40
C TYR A 35 -2.23 18.56 28.43
N ALA A 36 -3.19 17.70 28.81
CA ALA A 36 -4.60 18.14 28.93
C ALA A 36 -5.04 18.13 30.35
N ARG A 37 -4.70 17.10 31.08
CA ARG A 37 -5.11 16.95 32.49
C ARG A 37 -4.01 16.54 33.47
N SER A 38 -2.98 15.80 33.00
CA SER A 38 -1.97 15.14 33.93
C SER A 38 -0.86 16.18 34.30
N LYS A 39 -1.27 17.24 35.00
CA LYS A 39 -0.38 18.39 35.25
C LYS A 39 0.81 17.95 36.06
N LYS A 40 0.61 17.11 37.08
CA LYS A 40 1.75 16.75 37.92
C LYS A 40 2.82 16.00 37.13
N ALA A 41 2.43 15.05 36.31
CA ALA A 41 3.38 14.35 35.45
C ALA A 41 4.06 15.35 34.48
N ALA A 42 3.31 16.33 33.97
CA ALA A 42 3.89 17.33 33.06
C ALA A 42 5.02 18.14 33.81
N LEU A 43 4.72 18.56 35.07
CA LEU A 43 5.70 19.40 35.80
C LEU A 43 6.94 18.55 36.18
N GLU A 44 6.72 17.26 36.47
CA GLU A 44 7.80 16.37 36.78
C GLU A 44 8.68 16.10 35.57
N THR A 45 8.05 15.95 34.39
CA THR A 45 8.81 15.79 33.17
C THR A 45 9.63 17.04 32.92
N ALA A 46 9.01 18.21 33.13
CA ALA A 46 9.72 19.45 32.90
C ALA A 46 10.94 19.52 33.81
N GLU A 47 10.77 19.15 35.08
CA GLU A 47 11.89 19.22 36.02
C GLU A 47 13.04 18.29 35.61
N GLU A 48 12.71 17.07 35.22
CA GLU A 48 13.71 16.15 34.64
C GLU A 48 14.48 16.79 33.45
N ILE A 49 13.75 17.39 32.51
CA ILE A 49 14.38 17.89 31.32
C ILE A 49 15.23 19.12 31.63
N GLU A 50 14.80 19.93 32.61
CA GLU A 50 15.61 21.14 32.95
C GLU A 50 16.97 20.75 33.49
N LYS A 51 17.09 19.53 33.99
CA LYS A 51 18.43 19.08 34.46
C LYS A 51 19.44 19.09 33.32
N LEU A 52 18.95 18.95 32.08
CA LEU A 52 19.85 18.95 30.89
C LEU A 52 20.29 20.28 30.46
N GLY A 53 19.86 21.33 31.14
CA GLY A 53 20.37 22.65 30.82
C GLY A 53 19.62 23.35 29.67
N VAL A 54 18.43 22.83 29.33
CA VAL A 54 17.61 23.52 28.30
C VAL A 54 16.45 24.22 28.96
N LYS A 55 15.77 25.08 28.20
CA LYS A 55 14.62 25.81 28.77
C LYS A 55 13.38 25.02 28.45
N VAL A 56 12.42 25.00 29.36
CA VAL A 56 11.21 24.22 29.13
C VAL A 56 9.98 25.12 29.42
N LEU A 57 9.00 25.10 28.51
CA LEU A 57 7.73 25.79 28.73
C LEU A 57 6.66 24.72 28.87
N VAL A 58 5.79 24.76 29.91
CA VAL A 58 4.78 23.74 30.10
C VAL A 58 3.44 24.42 29.80
N VAL A 59 2.69 23.83 28.85
CA VAL A 59 1.43 24.47 28.40
C VAL A 59 0.30 23.48 28.49
N LYS A 60 -0.72 23.80 29.31
CA LYS A 60 -1.92 23.02 29.32
C LYS A 60 -2.72 23.42 28.06
N ALA A 61 -3.04 22.47 27.18
CA ALA A 61 -3.86 22.84 25.98
C ALA A 61 -4.46 21.56 25.42
N ASN A 62 -5.76 21.43 25.51
CA ASN A 62 -6.47 20.30 24.89
C ASN A 62 -6.38 20.48 23.42
N VAL A 63 -5.64 19.62 22.74
CA VAL A 63 -5.30 19.90 21.32
C VAL A 63 -6.50 19.59 20.43
N GLY A 64 -7.57 19.01 20.99
CA GLY A 64 -8.84 18.87 20.27
C GLY A 64 -9.55 20.21 20.12
N GLN A 65 -9.01 21.29 20.73
CA GLN A 65 -9.71 22.60 20.60
C GLN A 65 -8.79 23.58 19.95
N PRO A 66 -9.07 23.96 18.69
CA PRO A 66 -8.17 24.91 18.04
C PRO A 66 -7.93 26.22 18.78
N ALA A 67 -8.94 26.71 19.56
CA ALA A 67 -8.68 27.94 20.31
C ALA A 67 -7.55 27.74 21.34
N LYS A 68 -7.47 26.53 21.89
CA LYS A 68 -6.40 26.23 22.87
C LYS A 68 -5.06 26.01 22.17
N ILE A 69 -5.12 25.42 20.99
CA ILE A 69 -3.92 25.40 20.12
C ILE A 69 -3.35 26.80 19.87
N LYS A 70 -4.22 27.73 19.49
CA LYS A 70 -3.76 29.07 19.18
C LYS A 70 -3.16 29.73 20.45
N GLU A 71 -3.81 29.56 21.60
CA GLU A 71 -3.28 30.08 22.88
C GLU A 71 -1.89 29.51 23.21
N MET A 72 -1.76 28.18 23.05
CA MET A 72 -0.46 27.53 23.24
C MET A 72 0.64 28.13 22.34
N PHE A 73 0.33 28.29 21.05
CA PHE A 73 1.37 28.81 20.15
C PHE A 73 1.72 30.29 20.39
N GLN A 74 0.73 31.07 20.84
CA GLN A 74 1.01 32.43 21.35
C GLN A 74 1.99 32.41 22.51
N GLN A 75 1.82 31.45 23.44
CA GLN A 75 2.82 31.26 24.53
C GLN A 75 4.17 30.87 24.03
N ILE A 76 4.22 29.98 23.01
CA ILE A 76 5.52 29.57 22.47
C ILE A 76 6.19 30.79 21.84
N ASP A 77 5.40 31.55 21.09
CA ASP A 77 5.98 32.69 20.37
C ASP A 77 6.50 33.73 21.43
N GLU A 78 5.75 33.94 22.49
CA GLU A 78 6.13 34.93 23.56
C GLU A 78 7.36 34.46 24.31
N THR A 79 7.44 33.15 24.51
CA THR A 79 8.53 32.65 25.35
C THR A 79 9.82 32.38 24.60
N PHE A 80 9.71 31.75 23.42
CA PHE A 80 10.90 31.37 22.63
C PHE A 80 11.12 32.12 21.33
N GLY A 81 10.05 32.65 20.75
CA GLY A 81 10.08 33.42 19.48
C GLY A 81 10.41 32.59 18.27
N ARG A 82 10.37 31.26 18.42
CA ARG A 82 10.68 30.39 17.28
C ARG A 82 10.16 28.99 17.60
N LEU A 83 10.16 28.15 16.56
CA LEU A 83 9.90 26.75 16.74
C LEU A 83 10.56 26.03 15.57
N ASP A 84 11.22 24.89 15.85
CA ASP A 84 11.96 24.22 14.84
C ASP A 84 11.48 22.77 14.63
N VAL A 85 10.93 22.17 15.66
CA VAL A 85 10.49 20.78 15.53
C VAL A 85 9.13 20.71 16.17
N PHE A 86 8.21 20.00 15.53
CA PHE A 86 6.90 19.78 16.12
C PHE A 86 6.52 18.30 16.03
N VAL A 87 6.29 17.65 17.18
CA VAL A 87 5.92 16.21 17.17
C VAL A 87 4.46 16.15 17.62
N ASN A 88 3.59 15.77 16.67
CA ASN A 88 2.17 15.56 16.94
C ASN A 88 1.97 14.15 17.50
N ASN A 89 1.85 14.07 18.82
CA ASN A 89 1.83 12.79 19.48
C ASN A 89 0.56 12.52 20.33
N ALA A 90 -0.06 13.59 20.84
CA ALA A 90 -1.24 13.39 21.70
C ALA A 90 -2.31 12.54 21.00
N ALA A 91 -2.99 11.67 21.75
CA ALA A 91 -4.16 10.99 21.24
C ALA A 91 -5.07 10.62 22.37
N SER A 92 -6.35 10.50 22.02
CA SER A 92 -7.36 9.95 22.90
C SER A 92 -8.36 9.17 22.04
N GLY A 93 -9.47 8.72 22.61
CA GLY A 93 -10.39 7.95 21.82
C GLY A 93 -11.46 7.24 22.62
N VAL A 94 -12.41 6.67 21.92
CA VAL A 94 -13.50 5.90 22.58
C VAL A 94 -13.46 4.51 21.94
N LEU A 95 -13.19 3.45 22.71
CA LEU A 95 -12.95 2.15 22.14
C LEU A 95 -14.18 1.35 22.44
N ARG A 96 -15.02 1.19 21.42
CA ARG A 96 -16.11 0.25 21.53
C ARG A 96 -16.54 -0.23 20.16
N PRO A 97 -17.53 -1.16 20.14
CA PRO A 97 -17.95 -1.70 18.82
C PRO A 97 -18.57 -0.58 18.00
N VAL A 98 -18.45 -0.68 16.68
CA VAL A 98 -18.91 0.42 15.82
C VAL A 98 -20.40 0.72 16.01
N MET A 99 -21.21 -0.32 16.27
CA MET A 99 -22.67 -0.13 16.39
C MET A 99 -23.03 0.71 17.65
N GLU A 100 -22.09 0.86 18.59
CA GLU A 100 -22.39 1.60 19.81
C GLU A 100 -21.82 3.01 19.77
N LEU A 101 -21.20 3.43 18.67
CA LEU A 101 -20.56 4.73 18.68
C LEU A 101 -21.60 5.84 18.54
N GLU A 102 -21.39 6.91 19.28
CA GLU A 102 -22.25 8.08 19.22
C GLU A 102 -21.50 9.21 18.61
N GLU A 103 -22.23 10.26 18.18
CA GLU A 103 -21.54 11.39 17.53
C GLU A 103 -20.47 12.07 18.38
N THR A 104 -20.73 12.24 19.68
CA THR A 104 -19.71 12.82 20.55
C THR A 104 -18.40 11.99 20.63
N HIS A 105 -18.50 10.67 20.55
CA HIS A 105 -17.36 9.77 20.54
C HIS A 105 -16.49 10.04 19.30
N TRP A 106 -17.15 10.17 18.14
CA TRP A 106 -16.46 10.51 16.87
C TRP A 106 -15.79 11.90 16.95
N ASP A 107 -16.55 12.92 17.34
CA ASP A 107 -16.00 14.26 17.36
C ASP A 107 -14.79 14.35 18.34
N TRP A 108 -14.93 13.77 19.55
CA TRP A 108 -13.87 13.83 20.57
C TRP A 108 -12.59 13.28 19.99
N THR A 109 -12.70 12.12 19.34
CA THR A 109 -11.54 11.37 18.88
C THR A 109 -10.93 12.06 17.67
N MET A 110 -11.76 12.42 16.73
CA MET A 110 -11.26 13.03 15.50
C MET A 110 -10.67 14.40 15.83
N ASN A 111 -11.30 15.12 16.77
CA ASN A 111 -10.77 16.46 17.06
C ASN A 111 -9.38 16.41 17.69
N ILE A 112 -9.21 15.53 18.68
CA ILE A 112 -7.91 15.42 19.34
C ILE A 112 -6.82 14.79 18.46
N ASN A 113 -7.19 13.78 17.65
CA ASN A 113 -6.15 12.92 17.06
C ASN A 113 -5.75 13.39 15.67
N ALA A 114 -6.65 14.05 14.95
CA ALA A 114 -6.39 14.39 13.53
C ALA A 114 -6.56 15.90 13.27
N LYS A 115 -7.70 16.45 13.63
CA LYS A 115 -7.89 17.94 13.50
C LYS A 115 -6.72 18.72 14.15
N ALA A 116 -6.23 18.21 15.28
CA ALA A 116 -5.11 18.84 16.03
C ALA A 116 -3.91 19.07 15.10
N LEU A 117 -3.62 18.11 14.24
CA LEU A 117 -2.44 18.21 13.41
C LEU A 117 -2.61 19.36 12.45
N LEU A 118 -3.81 19.54 11.90
CA LEU A 118 -3.95 20.61 10.94
C LEU A 118 -3.69 21.97 11.58
N PHE A 119 -4.31 22.23 12.76
CA PHE A 119 -4.16 23.55 13.40
C PHE A 119 -2.84 23.77 14.07
N CYS A 120 -2.29 22.71 14.69
CA CYS A 120 -0.90 22.82 15.22
C CYS A 120 0.10 23.07 14.05
N ALA A 121 -0.10 22.37 12.92
CA ALA A 121 0.81 22.55 11.76
C ALA A 121 0.78 23.95 11.21
N GLN A 122 -0.42 24.54 11.05
CA GLN A 122 -0.50 25.92 10.66
C GLN A 122 0.28 26.89 11.58
N GLU A 123 0.07 26.75 12.88
CA GLU A 123 0.72 27.66 13.84
C GLU A 123 2.21 27.36 13.87
N ALA A 124 2.56 26.07 13.82
CA ALA A 124 4.01 25.69 13.77
C ALA A 124 4.66 26.29 12.54
N ALA A 125 4.00 26.21 11.38
CA ALA A 125 4.66 26.71 10.16
C ALA A 125 4.96 28.21 10.25
N LYS A 126 4.02 28.97 10.83
CA LYS A 126 4.21 30.42 10.96
C LYS A 126 5.46 30.68 11.82
N LEU A 127 5.64 29.90 12.89
CA LEU A 127 6.89 30.03 13.72
C LEU A 127 8.13 29.49 13.00
N MET A 128 7.98 28.38 12.28
CA MET A 128 9.14 27.82 11.59
C MET A 128 9.67 28.72 10.47
N GLU A 129 8.76 29.45 9.81
CA GLU A 129 9.18 30.26 8.66
C GLU A 129 10.22 31.35 9.12
N LYS A 130 10.18 31.74 10.39
CA LYS A 130 11.10 32.75 10.95
C LYS A 130 12.58 32.37 10.84
N ASN A 131 12.92 31.08 10.95
CA ASN A 131 14.31 30.66 10.83
C ASN A 131 14.53 29.70 9.72
N GLY A 132 13.63 29.66 8.77
CA GLY A 132 13.97 28.96 7.57
C GLY A 132 13.44 27.57 7.47
N GLY A 133 12.47 27.21 8.31
CA GLY A 133 11.89 25.83 8.11
C GLY A 133 11.90 25.00 9.37
N GLY A 134 11.71 23.70 9.22
CA GLY A 134 11.59 22.86 10.39
C GLY A 134 11.07 21.48 10.01
N HIS A 135 10.71 20.72 11.00
CA HIS A 135 10.28 19.32 10.77
C HIS A 135 9.04 19.09 11.62
N ILE A 136 8.09 18.36 11.03
CA ILE A 136 6.86 17.94 11.76
C ILE A 136 6.76 16.41 11.64
N VAL A 137 6.56 15.72 12.78
CA VAL A 137 6.42 14.27 12.73
C VAL A 137 5.18 13.94 13.54
N SER A 138 4.31 13.08 12.98
CA SER A 138 3.09 12.66 13.71
C SER A 138 3.24 11.21 14.12
N ILE A 139 2.54 10.80 15.18
CA ILE A 139 2.58 9.40 15.65
C ILE A 139 1.30 8.69 15.28
N SER A 140 1.43 7.57 14.58
CA SER A 140 0.23 6.83 14.14
C SER A 140 0.30 5.39 14.65
N SER A 141 -0.59 4.54 14.16
CA SER A 141 -0.53 3.12 14.62
C SER A 141 -0.99 2.21 13.46
N LEU A 142 -0.84 0.88 13.64
CA LEU A 142 -1.26 -0.03 12.59
C LEU A 142 -2.75 0.02 12.35
N GLY A 143 -3.54 0.57 13.29
CA GLY A 143 -5.00 0.57 13.01
C GLY A 143 -5.45 1.59 12.03
N SER A 144 -4.53 2.41 11.53
CA SER A 144 -4.90 3.31 10.43
C SER A 144 -5.19 2.53 9.15
N ILE A 145 -4.50 1.40 8.95
CA ILE A 145 -4.56 0.70 7.66
C ILE A 145 -5.08 -0.75 7.84
N ARG A 146 -5.15 -1.22 9.08
CA ARG A 146 -5.65 -2.59 9.42
C ARG A 146 -6.79 -2.41 10.44
N TYR A 147 -7.42 -3.54 10.84
CA TYR A 147 -8.52 -3.55 11.81
C TYR A 147 -7.88 -3.90 13.17
N LEU A 148 -8.08 -3.06 14.19
CA LEU A 148 -7.79 -3.42 15.63
C LEU A 148 -9.12 -3.45 16.32
N GLU A 149 -9.34 -4.49 17.12
CA GLU A 149 -10.62 -4.61 17.80
C GLU A 149 -11.00 -3.43 18.70
N ASN A 150 -12.24 -2.97 18.54
CA ASN A 150 -12.81 -1.83 19.25
C ASN A 150 -12.14 -0.49 18.87
N TYR A 151 -11.30 -0.44 17.86
CA TYR A 151 -10.42 0.77 17.67
C TYR A 151 -10.97 1.70 16.63
N THR A 152 -12.21 1.51 16.19
CA THR A 152 -12.73 2.30 15.03
C THR A 152 -12.48 3.80 15.14
N THR A 153 -12.90 4.43 16.25
CA THR A 153 -12.74 5.90 16.26
C THR A 153 -11.28 6.29 16.06
N VAL A 154 -10.38 5.61 16.76
CA VAL A 154 -8.96 6.00 16.76
C VAL A 154 -8.38 5.62 15.36
N GLY A 155 -8.69 4.37 14.90
CA GLY A 155 -8.14 3.92 13.56
C GLY A 155 -8.52 4.89 12.43
N VAL A 156 -9.77 5.34 12.41
CA VAL A 156 -10.24 6.26 11.41
C VAL A 156 -9.50 7.60 11.59
N SER A 157 -9.32 8.06 12.84
CA SER A 157 -8.57 9.33 13.03
C SER A 157 -7.13 9.22 12.57
N LYS A 158 -6.53 8.06 12.80
CA LYS A 158 -5.13 7.88 12.37
C LYS A 158 -5.02 7.80 10.87
N ALA A 159 -6.00 7.17 10.21
CA ALA A 159 -5.97 7.23 8.73
C ALA A 159 -6.08 8.69 8.24
N ALA A 160 -6.93 9.49 8.90
CA ALA A 160 -7.02 10.96 8.52
C ALA A 160 -5.69 11.64 8.79
N LEU A 161 -5.09 11.31 9.94
CA LEU A 161 -3.79 11.88 10.30
C LEU A 161 -2.70 11.58 9.26
N GLU A 162 -2.62 10.34 8.76
CA GLU A 162 -1.63 9.98 7.75
C GLU A 162 -1.93 10.65 6.42
N ALA A 163 -3.21 10.85 6.10
CA ALA A 163 -3.51 11.56 4.87
C ALA A 163 -3.15 13.06 5.02
N LEU A 164 -3.43 13.61 6.17
CA LEU A 164 -3.06 15.00 6.42
C LEU A 164 -1.56 15.16 6.38
N THR A 165 -0.84 14.13 6.85
CA THR A 165 0.62 14.14 6.77
C THR A 165 1.07 14.28 5.29
N ARG A 166 0.38 13.60 4.38
CA ARG A 166 0.74 13.72 2.96
C ARG A 166 0.43 15.10 2.43
N TYR A 167 -0.78 15.61 2.70
CA TYR A 167 -1.10 16.98 2.17
C TYR A 167 -0.18 18.03 2.76
N LEU A 168 0.12 17.95 4.08
CA LEU A 168 1.04 18.96 4.64
C LEU A 168 2.46 18.77 4.04
N ALA A 169 2.85 17.51 3.81
CA ALA A 169 4.22 17.28 3.35
C ALA A 169 4.39 18.01 1.99
N VAL A 170 3.33 18.01 1.17
CA VAL A 170 3.47 18.67 -0.16
C VAL A 170 3.36 20.15 0.02
N GLU A 171 2.28 20.59 0.64
CA GLU A 171 2.02 22.05 0.74
C GLU A 171 2.96 22.85 1.62
N LEU A 172 3.65 22.20 2.57
CA LEU A 172 4.61 22.97 3.39
C LEU A 172 6.06 22.84 2.88
N SER A 173 6.30 22.05 1.82
CA SER A 173 7.64 21.93 1.25
C SER A 173 8.20 23.28 0.77
N PRO A 174 7.35 24.18 0.23
CA PRO A 174 7.90 25.52 -0.13
C PRO A 174 8.41 26.33 1.06
N LYS A 175 8.02 25.96 2.27
CA LYS A 175 8.50 26.59 3.53
C LYS A 175 9.66 25.86 4.14
N GLN A 176 10.20 24.85 3.44
CA GLN A 176 11.32 24.05 3.95
C GLN A 176 10.91 23.39 5.28
N ILE A 177 9.69 22.88 5.32
CA ILE A 177 9.19 22.13 6.47
C ILE A 177 8.97 20.69 5.96
N ILE A 178 9.60 19.77 6.65
CA ILE A 178 9.62 18.33 6.25
C ILE A 178 8.62 17.60 7.14
N VAL A 179 7.64 16.96 6.54
CA VAL A 179 6.54 16.35 7.33
C VAL A 179 6.38 14.87 7.05
N ASN A 180 6.35 14.06 8.14
CA ASN A 180 6.26 12.58 8.01
C ASN A 180 5.58 12.07 9.25
N ALA A 181 5.45 10.75 9.35
CA ALA A 181 4.73 10.14 10.48
C ALA A 181 5.44 8.81 10.80
N VAL A 182 5.24 8.31 12.00
CA VAL A 182 5.84 7.04 12.45
C VAL A 182 4.64 6.25 13.03
N SER A 183 4.43 5.02 12.55
CA SER A 183 3.33 4.19 13.04
C SER A 183 3.89 3.05 13.88
N GLY A 184 3.33 2.86 15.07
CA GLY A 184 3.83 1.79 15.90
C GLY A 184 2.93 0.59 16.01
N GLY A 185 3.52 -0.57 16.29
CA GLY A 185 2.76 -1.70 16.83
C GLY A 185 2.54 -1.43 18.32
N ALA A 186 2.01 -2.44 19.02
CA ALA A 186 1.57 -2.23 20.41
C ALA A 186 2.79 -1.96 21.31
N ILE A 187 2.62 -1.01 22.25
CA ILE A 187 3.69 -0.66 23.24
C ILE A 187 3.06 -0.68 24.66
N ASP A 188 3.81 -1.16 25.64
CA ASP A 188 3.23 -1.30 26.98
C ASP A 188 3.29 0.05 27.73
N THR A 189 2.37 0.96 27.38
CA THR A 189 2.23 2.28 28.01
C THR A 189 0.88 2.34 28.73
N ASP A 190 0.62 3.49 29.39
CA ASP A 190 -0.67 3.66 30.06
C ASP A 190 -1.81 3.69 29.06
N ALA A 191 -1.53 3.97 27.79
CA ALA A 191 -2.65 4.00 26.86
C ALA A 191 -3.29 2.62 26.67
N LEU A 192 -2.55 1.54 26.90
CA LEU A 192 -3.15 0.20 26.63
C LEU A 192 -4.26 -0.08 27.65
N LYS A 193 -4.20 0.62 28.77
CA LYS A 193 -5.16 0.41 29.82
C LYS A 193 -6.53 0.87 29.37
N HIS A 194 -6.63 1.62 28.29
CA HIS A 194 -7.92 1.91 27.73
C HIS A 194 -8.57 0.74 27.04
N PHE A 195 -7.81 -0.27 26.64
CA PHE A 195 -8.35 -1.39 25.88
C PHE A 195 -8.92 -2.46 26.82
N PRO A 196 -10.18 -2.83 26.61
CA PRO A 196 -10.61 -3.96 27.44
C PRO A 196 -9.84 -5.27 27.12
N ASN A 197 -9.29 -5.38 25.91
CA ASN A 197 -8.47 -6.53 25.51
C ASN A 197 -6.94 -6.29 25.64
N ARG A 198 -6.55 -5.44 26.56
CA ARG A 198 -5.15 -5.20 26.86
C ARG A 198 -4.28 -6.45 26.94
N GLU A 199 -4.68 -7.47 27.72
CA GLU A 199 -3.83 -8.71 27.87
C GLU A 199 -3.68 -9.45 26.54
N ASP A 200 -4.73 -9.42 25.72
CA ASP A 200 -4.66 -10.07 24.39
C ASP A 200 -3.65 -9.31 23.51
N LEU A 201 -3.70 -7.99 23.52
CA LEU A 201 -2.75 -7.22 22.73
C LEU A 201 -1.32 -7.48 23.13
N LEU A 202 -1.04 -7.48 24.44
CA LEU A 202 0.28 -7.75 24.94
C LEU A 202 0.71 -9.16 24.57
N GLU A 203 -0.18 -10.12 24.76
CA GLU A 203 0.14 -11.52 24.44
C GLU A 203 0.47 -11.67 22.94
N ASP A 204 -0.38 -11.07 22.12
CA ASP A 204 -0.11 -11.10 20.68
C ASP A 204 1.23 -10.41 20.36
N ALA A 205 1.51 -9.23 20.92
CA ALA A 205 2.79 -8.55 20.59
C ALA A 205 3.97 -9.43 21.04
N ARG A 206 3.83 -10.03 22.22
CA ARG A 206 4.94 -10.82 22.77
C ARG A 206 5.23 -12.10 22.01
N GLN A 207 4.17 -12.70 21.51
CA GLN A 207 4.25 -14.03 20.96
C GLN A 207 4.40 -13.96 19.45
N ASN A 208 3.84 -12.93 18.81
CA ASN A 208 3.71 -13.01 17.31
C ASN A 208 4.58 -12.01 16.56
N THR A 209 5.26 -11.17 17.28
CA THR A 209 6.19 -10.19 16.68
C THR A 209 7.47 -10.93 16.22
N PRO A 210 7.77 -10.92 14.90
CA PRO A 210 8.95 -11.66 14.45
C PRO A 210 10.25 -11.33 15.17
N ALA A 211 10.45 -10.06 15.52
CA ALA A 211 11.61 -9.60 16.25
C ALA A 211 11.80 -10.35 17.55
N GLY A 212 10.73 -10.92 18.11
CA GLY A 212 10.90 -11.71 19.30
C GLY A 212 10.73 -10.93 20.59
N ARG A 213 10.27 -9.69 20.49
CA ARG A 213 10.06 -8.83 21.68
C ARG A 213 9.04 -7.79 21.25
N MET A 214 8.45 -7.07 22.21
CA MET A 214 7.53 -5.95 21.82
C MET A 214 8.32 -4.72 21.41
N VAL A 215 7.65 -3.84 20.64
CA VAL A 215 8.15 -2.48 20.44
C VAL A 215 8.23 -1.77 21.82
N GLU A 216 9.27 -0.95 22.02
CA GLU A 216 9.38 -0.17 23.25
C GLU A 216 9.30 1.31 22.85
N ILE A 217 9.00 2.16 23.84
CA ILE A 217 9.00 3.61 23.55
C ILE A 217 10.29 4.09 22.86
N LYS A 218 11.44 3.58 23.31
CA LYS A 218 12.70 3.99 22.71
C LYS A 218 12.70 3.78 21.18
N ASP A 219 12.07 2.70 20.70
CA ASP A 219 12.08 2.40 19.25
C ASP A 219 11.31 3.46 18.49
N MET A 220 10.18 3.92 19.04
CA MET A 220 9.42 5.01 18.38
C MET A 220 10.27 6.31 18.40
N VAL A 221 10.84 6.63 19.56
CA VAL A 221 11.67 7.83 19.71
C VAL A 221 12.87 7.80 18.74
N ASP A 222 13.51 6.64 18.61
CA ASP A 222 14.64 6.55 17.67
C ASP A 222 14.24 6.95 16.26
N THR A 223 13.05 6.52 15.82
CA THR A 223 12.62 6.89 14.44
C THR A 223 12.22 8.40 14.38
N VAL A 224 11.55 8.89 15.42
CA VAL A 224 11.30 10.34 15.48
C VAL A 224 12.60 11.16 15.37
N GLU A 225 13.62 10.77 16.15
CA GLU A 225 14.89 11.44 16.13
C GLU A 225 15.50 11.50 14.74
N PHE A 226 15.46 10.35 14.06
CA PHE A 226 15.97 10.30 12.66
C PHE A 226 15.17 11.27 11.77
N LEU A 227 13.86 11.24 11.87
CA LEU A 227 13.01 12.03 10.95
C LEU A 227 13.12 13.52 11.22
N VAL A 228 13.60 13.96 12.39
CA VAL A 228 13.91 15.40 12.61
C VAL A 228 15.37 15.83 12.45
N SER A 229 16.27 14.93 12.06
CA SER A 229 17.75 15.07 12.18
C SER A 229 18.51 15.76 11.06
N SER A 230 17.82 16.11 10.00
CA SER A 230 18.49 16.60 8.72
C SER A 230 19.02 15.44 7.85
N LYS A 231 19.06 14.23 8.38
CA LYS A 231 19.45 13.04 7.61
C LYS A 231 18.23 12.45 6.87
N ALA A 232 17.04 13.07 7.04
CA ALA A 232 15.84 12.50 6.52
C ALA A 232 15.09 13.59 5.70
N ASP A 233 15.82 14.61 5.20
CA ASP A 233 15.10 15.73 4.54
C ASP A 233 14.42 15.37 3.19
N MET A 234 14.75 14.24 2.57
CA MET A 234 14.08 13.92 1.31
C MET A 234 13.11 12.77 1.53
N ILE A 235 12.85 12.42 2.81
CA ILE A 235 11.71 11.52 3.05
C ILE A 235 10.59 12.50 3.30
N ARG A 236 9.50 12.44 2.51
CA ARG A 236 8.38 13.39 2.71
C ARG A 236 7.05 12.68 2.58
N GLY A 237 6.15 12.96 3.53
CA GLY A 237 4.77 12.45 3.46
C GLY A 237 4.69 10.96 3.70
N GLN A 238 5.76 10.36 4.24
CA GLN A 238 5.75 8.95 4.48
C GLN A 238 5.38 8.60 5.91
N THR A 239 4.81 7.38 6.06
CA THR A 239 4.57 6.85 7.41
C THR A 239 5.51 5.63 7.57
N ILE A 240 6.43 5.71 8.49
CA ILE A 240 7.40 4.59 8.68
C ILE A 240 6.80 3.69 9.76
N ILE A 241 6.77 2.38 9.46
CA ILE A 241 6.12 1.43 10.42
C ILE A 241 7.19 0.81 11.30
N VAL A 242 7.01 0.94 12.60
CA VAL A 242 8.00 0.37 13.58
C VAL A 242 7.19 -0.67 14.39
N ASP A 243 7.26 -1.94 14.01
CA ASP A 243 6.42 -2.96 14.64
C ASP A 243 7.12 -4.31 14.80
N GLY A 244 8.45 -4.33 14.63
CA GLY A 244 9.20 -5.62 14.80
C GLY A 244 8.81 -6.64 13.71
N GLY A 245 8.14 -6.19 12.65
CA GLY A 245 7.69 -7.11 11.61
C GLY A 245 6.31 -7.68 11.83
N ARG A 246 5.58 -7.24 12.87
CA ARG A 246 4.30 -7.89 13.20
C ARG A 246 3.25 -7.80 12.04
N SER A 247 3.21 -6.64 11.39
CA SER A 247 2.19 -6.43 10.35
C SER A 247 2.48 -7.27 9.10
N LEU A 248 3.67 -7.83 8.97
CA LEU A 248 4.01 -8.61 7.75
C LEU A 248 3.28 -9.92 7.75
N LEU A 249 2.98 -10.46 8.94
CA LEU A 249 2.41 -11.79 8.98
C LEU A 249 0.99 -11.87 8.50
N VAL A 250 0.62 -13.13 8.18
CA VAL A 250 -0.81 -13.55 8.34
C VAL A 250 -1.25 -14.44 9.59
N LEU A 251 -1.02 -15.78 9.48
CA LEU A 251 -0.85 -16.92 10.39
C LEU A 251 -1.16 -18.25 9.62
N MET B 1 39.65 -13.37 13.54
CA MET B 1 38.45 -12.49 13.36
C MET B 1 38.77 -11.03 13.70
N GLU B 2 38.37 -10.11 12.79
CA GLU B 2 38.57 -8.71 13.03
C GLU B 2 37.90 -8.23 14.27
N GLN B 3 38.61 -7.30 14.95
CA GLN B 3 38.04 -6.67 16.18
C GLN B 3 36.86 -5.76 15.89
N ASN B 4 36.98 -4.99 14.79
CA ASN B 4 35.88 -4.03 14.43
C ASN B 4 34.87 -4.66 13.49
N LYS B 5 33.65 -4.15 13.51
CA LYS B 5 32.58 -4.62 12.64
C LYS B 5 32.94 -4.45 11.16
N CYS B 6 32.36 -5.30 10.30
CA CYS B 6 32.75 -5.32 8.89
C CYS B 6 31.47 -5.23 8.06
N ALA B 7 31.58 -4.58 6.91
CA ALA B 7 30.37 -4.34 6.07
C ALA B 7 30.68 -4.69 4.64
N LEU B 8 29.73 -5.35 3.95
CA LEU B 8 29.87 -5.55 2.51
C LEU B 8 28.85 -4.67 1.81
N VAL B 9 29.27 -4.07 0.69
CA VAL B 9 28.29 -3.36 -0.20
C VAL B 9 28.48 -3.94 -1.59
N THR B 10 27.44 -4.56 -2.19
CA THR B 10 27.61 -5.10 -3.56
C THR B 10 27.59 -3.93 -4.51
N GLY B 11 28.36 -4.02 -5.62
CA GLY B 11 28.34 -2.94 -6.62
C GLY B 11 28.82 -1.64 -5.99
N SER B 12 30.00 -1.64 -5.37
CA SER B 12 30.44 -0.49 -4.66
C SER B 12 31.67 0.19 -5.30
N SER B 13 31.90 -0.09 -6.56
CA SER B 13 32.96 0.65 -7.30
C SER B 13 32.58 2.07 -7.65
N ARG B 14 31.30 2.43 -7.63
CA ARG B 14 30.88 3.81 -7.97
C ARG B 14 29.45 3.99 -7.43
N GLY B 15 28.92 5.20 -7.60
CA GLY B 15 27.46 5.48 -7.37
C GLY B 15 27.06 5.29 -5.93
N VAL B 16 25.81 4.88 -5.72
CA VAL B 16 25.30 4.80 -4.33
C VAL B 16 26.17 3.81 -3.50
N GLY B 17 26.56 2.70 -4.10
CA GLY B 17 27.26 1.66 -3.35
C GLY B 17 28.59 2.17 -2.85
N LYS B 18 29.31 2.85 -3.76
CA LYS B 18 30.58 3.50 -3.31
C LYS B 18 30.39 4.46 -2.18
N ALA B 19 29.38 5.32 -2.30
CA ALA B 19 29.15 6.30 -1.24
C ALA B 19 28.74 5.64 0.09
N ALA B 20 27.96 4.57 -0.02
CA ALA B 20 27.51 3.88 1.20
C ALA B 20 28.75 3.24 1.90
N ALA B 21 29.63 2.67 1.09
CA ALA B 21 30.83 2.05 1.67
C ALA B 21 31.75 3.07 2.33
N ILE B 22 31.89 4.24 1.74
CA ILE B 22 32.71 5.31 2.34
C ILE B 22 32.09 5.83 3.65
N ARG B 23 30.75 5.97 3.67
CA ARG B 23 30.06 6.33 4.86
C ARG B 23 30.25 5.33 6.00
N LEU B 24 30.16 4.05 5.67
CA LEU B 24 30.35 3.00 6.70
C LEU B 24 31.78 3.06 7.17
N ALA B 25 32.73 3.27 6.24
CA ALA B 25 34.15 3.37 6.63
C ALA B 25 34.37 4.59 7.57
N GLU B 26 33.72 5.73 7.27
CA GLU B 26 33.82 6.92 8.12
C GLU B 26 33.33 6.64 9.55
N ASN B 27 32.44 5.67 9.69
CA ASN B 27 31.90 5.22 10.96
C ASN B 27 32.66 4.06 11.64
N GLY B 28 33.79 3.66 11.04
CA GLY B 28 34.76 2.73 11.65
C GLY B 28 34.62 1.32 11.11
N TYR B 29 33.69 1.07 10.16
CA TYR B 29 33.56 -0.36 9.68
C TYR B 29 34.71 -0.67 8.74
N ASN B 30 35.24 -1.90 8.82
CA ASN B 30 36.07 -2.42 7.77
C ASN B 30 35.15 -2.71 6.58
N ILE B 31 35.68 -2.66 5.36
CA ILE B 31 34.80 -2.69 4.17
C ILE B 31 35.13 -3.80 3.20
N VAL B 32 34.08 -4.42 2.63
CA VAL B 32 34.28 -5.24 1.45
C VAL B 32 33.71 -4.49 0.23
N ILE B 33 34.57 -4.14 -0.72
CA ILE B 33 34.13 -3.50 -1.98
C ILE B 33 33.89 -4.65 -2.95
N ASN B 34 32.85 -4.50 -3.79
CA ASN B 34 32.51 -5.54 -4.76
C ASN B 34 32.22 -4.88 -6.09
N TYR B 35 32.63 -5.57 -7.16
CA TYR B 35 32.37 -5.11 -8.52
C TYR B 35 32.28 -6.32 -9.46
N ALA B 36 31.85 -6.06 -10.70
CA ALA B 36 31.79 -7.16 -11.69
C ALA B 36 32.80 -6.92 -12.79
N ARG B 37 32.87 -5.66 -13.22
CA ARG B 37 33.87 -5.34 -14.28
C ARG B 37 34.78 -4.15 -14.02
N SER B 38 34.33 -3.18 -13.21
CA SER B 38 35.07 -1.96 -13.07
C SER B 38 36.18 -2.09 -12.02
N LYS B 39 37.21 -2.89 -12.38
CA LYS B 39 38.32 -3.17 -11.46
C LYS B 39 39.08 -1.90 -11.06
N LYS B 40 39.43 -1.08 -12.04
CA LYS B 40 40.16 0.17 -11.70
C LYS B 40 39.43 1.08 -10.69
N ALA B 41 38.15 1.30 -10.96
CA ALA B 41 37.27 2.07 -10.09
C ALA B 41 37.20 1.44 -8.68
N ALA B 42 37.08 0.12 -8.61
CA ALA B 42 37.00 -0.58 -7.31
C ALA B 42 38.30 -0.40 -6.53
N LEU B 43 39.45 -0.52 -7.22
CA LEU B 43 40.73 -0.32 -6.54
C LEU B 43 40.96 1.12 -6.06
N GLU B 44 40.59 2.12 -6.87
CA GLU B 44 40.68 3.54 -6.43
C GLU B 44 39.79 3.80 -5.22
N THR B 45 38.58 3.24 -5.26
CA THR B 45 37.68 3.32 -4.13
C THR B 45 38.31 2.76 -2.84
N ALA B 46 38.92 1.59 -2.95
CA ALA B 46 39.51 0.95 -1.79
C ALA B 46 40.65 1.80 -1.28
N GLU B 47 41.40 2.39 -2.21
CA GLU B 47 42.52 3.27 -1.79
C GLU B 47 42.02 4.49 -0.96
N GLU B 48 40.93 5.12 -1.42
CA GLU B 48 40.32 6.21 -0.66
C GLU B 48 39.82 5.71 0.73
N ILE B 49 39.21 4.53 0.75
CA ILE B 49 38.77 4.05 2.06
C ILE B 49 39.92 3.71 3.04
N GLU B 50 41.00 3.18 2.51
CA GLU B 50 42.16 2.84 3.39
C GLU B 50 42.75 4.08 4.08
N LYS B 51 42.62 5.24 3.44
CA LYS B 51 43.04 6.51 4.05
C LYS B 51 42.14 6.89 5.27
N LEU B 52 40.96 6.25 5.40
CA LEU B 52 40.13 6.49 6.57
C LEU B 52 40.57 5.64 7.75
N GLY B 53 41.57 4.80 7.52
CA GLY B 53 42.13 3.99 8.60
C GLY B 53 41.35 2.73 8.97
N VAL B 54 40.60 2.17 8.00
CA VAL B 54 39.91 0.87 8.16
C VAL B 54 40.51 -0.09 7.16
N LYS B 55 40.25 -1.40 7.32
CA LYS B 55 40.76 -2.36 6.38
C LYS B 55 39.75 -2.51 5.23
N VAL B 56 40.23 -2.82 4.06
CA VAL B 56 39.34 -2.95 2.89
C VAL B 56 39.75 -4.22 2.16
N LEU B 57 38.77 -5.02 1.79
CA LEU B 57 38.92 -6.19 0.94
C LEU B 57 38.18 -5.89 -0.33
N VAL B 58 38.83 -6.14 -1.48
CA VAL B 58 38.21 -5.91 -2.80
C VAL B 58 37.92 -7.24 -3.46
N VAL B 59 36.67 -7.53 -3.81
CA VAL B 59 36.31 -8.82 -4.37
C VAL B 59 35.56 -8.67 -5.69
N LYS B 60 36.07 -9.28 -6.76
CA LYS B 60 35.34 -9.30 -8.04
C LYS B 60 34.34 -10.44 -7.98
N ALA B 61 33.06 -10.14 -8.15
CA ALA B 61 32.07 -11.24 -8.12
C ALA B 61 30.81 -10.71 -8.79
N ASN B 62 30.45 -11.35 -9.91
CA ASN B 62 29.16 -11.07 -10.56
C ASN B 62 28.04 -11.64 -9.70
N VAL B 63 27.23 -10.77 -9.06
CA VAL B 63 26.28 -11.28 -8.06
C VAL B 63 25.09 -11.95 -8.74
N GLY B 64 25.01 -11.88 -10.07
CA GLY B 64 24.01 -12.69 -10.81
C GLY B 64 24.32 -14.17 -10.83
N GLN B 65 25.47 -14.58 -10.26
CA GLN B 65 25.84 -16.01 -10.18
C GLN B 65 26.08 -16.45 -8.75
N PRO B 66 25.26 -17.33 -8.26
CA PRO B 66 25.35 -17.81 -6.89
C PRO B 66 26.70 -18.40 -6.57
N ALA B 67 27.31 -19.07 -7.54
CA ALA B 67 28.68 -19.59 -7.26
C ALA B 67 29.69 -18.46 -6.96
N LYS B 68 29.60 -17.36 -7.68
CA LYS B 68 30.51 -16.25 -7.46
C LYS B 68 30.21 -15.59 -6.08
N ILE B 69 28.93 -15.56 -5.71
CA ILE B 69 28.56 -15.08 -4.38
C ILE B 69 29.20 -15.91 -3.28
N LYS B 70 29.10 -17.24 -3.41
CA LYS B 70 29.72 -18.15 -2.41
C LYS B 70 31.23 -17.95 -2.32
N GLU B 71 31.86 -17.72 -3.44
CA GLU B 71 33.30 -17.51 -3.44
C GLU B 71 33.60 -16.24 -2.72
N MET B 72 32.83 -15.20 -3.03
CA MET B 72 33.01 -13.90 -2.38
C MET B 72 32.88 -14.01 -0.86
N PHE B 73 31.84 -14.68 -0.38
CA PHE B 73 31.66 -14.78 1.08
C PHE B 73 32.73 -15.64 1.71
N GLN B 74 33.20 -16.63 0.95
CA GLN B 74 34.39 -17.44 1.44
C GLN B 74 35.59 -16.51 1.64
N GLN B 75 35.81 -15.56 0.71
CA GLN B 75 36.95 -14.61 0.86
C GLN B 75 36.75 -13.73 2.05
N ILE B 76 35.50 -13.30 2.29
CA ILE B 76 35.26 -12.45 3.44
C ILE B 76 35.53 -13.20 4.75
N ASP B 77 35.06 -14.44 4.83
CA ASP B 77 35.27 -15.23 6.07
C ASP B 77 36.83 -15.41 6.24
N GLU B 78 37.55 -15.68 5.19
CA GLU B 78 39.03 -15.89 5.25
C GLU B 78 39.76 -14.62 5.69
N THR B 79 39.31 -13.45 5.26
CA THR B 79 40.04 -12.20 5.46
C THR B 79 39.61 -11.53 6.73
N PHE B 80 38.30 -11.44 6.96
CA PHE B 80 37.80 -10.73 8.13
C PHE B 80 37.24 -11.65 9.22
N GLY B 81 36.73 -12.81 8.83
CA GLY B 81 36.20 -13.80 9.77
C GLY B 81 34.86 -13.38 10.39
N ARG B 82 34.16 -12.39 9.76
CA ARG B 82 32.85 -11.91 10.30
C ARG B 82 32.23 -11.04 9.24
N LEU B 83 30.93 -10.76 9.41
CA LEU B 83 30.30 -9.72 8.57
C LEU B 83 29.15 -9.22 9.40
N ASP B 84 29.01 -7.89 9.52
CA ASP B 84 28.00 -7.36 10.43
C ASP B 84 26.88 -6.63 9.68
N VAL B 85 27.25 -6.10 8.54
CA VAL B 85 26.32 -5.27 7.70
C VAL B 85 26.47 -5.74 6.27
N PHE B 86 25.34 -5.93 5.58
CA PHE B 86 25.39 -6.25 4.19
C PHE B 86 24.36 -5.33 3.48
N VAL B 87 24.84 -4.60 2.45
CA VAL B 87 23.99 -3.70 1.68
C VAL B 87 23.94 -4.28 0.28
N ASN B 88 22.75 -4.69 -0.13
CA ASN B 88 22.50 -5.28 -1.48
C ASN B 88 22.16 -4.10 -2.41
N ASN B 89 23.17 -3.69 -3.18
CA ASN B 89 23.03 -2.43 -3.93
C ASN B 89 23.21 -2.64 -5.41
N ALA B 90 23.96 -3.68 -5.78
CA ALA B 90 24.28 -3.83 -7.24
C ALA B 90 22.99 -4.00 -8.06
N ALA B 91 22.97 -3.44 -9.26
CA ALA B 91 21.86 -3.72 -10.19
C ALA B 91 22.31 -3.55 -11.63
N SER B 92 21.59 -4.21 -12.52
CA SER B 92 21.75 -4.06 -13.96
C SER B 92 20.34 -4.21 -14.54
N GLY B 93 20.22 -4.31 -15.85
CA GLY B 93 18.85 -4.28 -16.42
C GLY B 93 18.95 -4.10 -17.94
N VAL B 94 17.84 -4.36 -18.57
CA VAL B 94 17.64 -4.10 -20.00
C VAL B 94 16.40 -3.22 -20.07
N LEU B 95 16.63 -1.99 -20.50
CA LEU B 95 15.54 -0.98 -20.52
C LEU B 95 14.90 -0.80 -21.90
N ARG B 96 13.79 -1.47 -22.13
CA ARG B 96 13.09 -1.31 -23.40
C ARG B 96 11.62 -1.59 -23.20
N PRO B 97 10.81 -1.37 -24.24
CA PRO B 97 9.39 -1.72 -24.17
C PRO B 97 9.14 -3.20 -23.93
N VAL B 98 8.05 -3.46 -23.22
CA VAL B 98 7.80 -4.84 -22.78
C VAL B 98 7.69 -5.81 -23.97
N MET B 99 7.17 -5.33 -25.12
CA MET B 99 7.07 -6.20 -26.29
C MET B 99 8.39 -6.59 -26.90
N GLU B 100 9.45 -5.83 -26.60
CA GLU B 100 10.76 -6.12 -27.16
C GLU B 100 11.61 -6.98 -26.23
N LEU B 101 11.08 -7.39 -25.07
CA LEU B 101 11.88 -8.17 -24.12
C LEU B 101 12.08 -9.62 -24.55
N GLU B 102 13.29 -10.15 -24.34
CA GLU B 102 13.52 -11.55 -24.62
C GLU B 102 13.91 -12.27 -23.32
N GLU B 103 13.91 -13.59 -23.37
CA GLU B 103 14.18 -14.34 -22.14
C GLU B 103 15.54 -13.99 -21.49
N THR B 104 16.55 -13.83 -22.33
CA THR B 104 17.88 -13.46 -21.76
C THR B 104 17.86 -12.14 -20.98
N HIS B 105 17.00 -11.20 -21.38
CA HIS B 105 16.91 -9.89 -20.75
C HIS B 105 16.32 -10.07 -19.37
N TRP B 106 15.31 -10.93 -19.31
CA TRP B 106 14.67 -11.24 -18.01
C TRP B 106 15.63 -11.96 -17.08
N ASP B 107 16.28 -13.01 -17.58
CA ASP B 107 17.18 -13.77 -16.73
C ASP B 107 18.33 -12.91 -16.22
N TRP B 108 18.95 -12.11 -17.10
CA TRP B 108 20.09 -11.30 -16.70
C TRP B 108 19.67 -10.38 -15.54
N THR B 109 18.52 -9.72 -15.70
CA THR B 109 18.06 -8.70 -14.77
C THR B 109 17.62 -9.30 -13.46
N MET B 110 16.81 -10.35 -13.52
CA MET B 110 16.34 -10.98 -12.31
C MET B 110 17.51 -11.59 -11.52
N ASN B 111 18.45 -12.20 -12.23
CA ASN B 111 19.59 -12.86 -11.57
C ASN B 111 20.40 -11.86 -10.80
N ILE B 112 20.70 -10.73 -11.43
CA ILE B 112 21.61 -9.81 -10.74
C ILE B 112 20.87 -8.99 -9.69
N ASN B 113 19.60 -8.65 -9.97
CA ASN B 113 18.94 -7.73 -9.06
C ASN B 113 18.17 -8.31 -7.88
N ALA B 114 17.67 -9.52 -8.04
CA ALA B 114 16.75 -10.09 -7.04
C ALA B 114 17.29 -11.42 -6.53
N LYS B 115 17.66 -12.30 -7.45
CA LYS B 115 18.26 -13.60 -7.01
C LYS B 115 19.48 -13.38 -6.11
N ALA B 116 20.29 -12.34 -6.40
CA ALA B 116 21.46 -12.02 -5.65
C ALA B 116 21.16 -11.84 -4.19
N LEU B 117 20.04 -11.16 -3.87
CA LEU B 117 19.77 -10.94 -2.48
C LEU B 117 19.56 -12.24 -1.75
N LEU B 118 18.86 -13.19 -2.35
CA LEU B 118 18.59 -14.45 -1.62
C LEU B 118 19.94 -15.12 -1.26
N PHE B 119 20.80 -15.29 -2.25
CA PHE B 119 22.04 -16.08 -1.95
C PHE B 119 23.05 -15.25 -1.14
N CYS B 120 23.15 -13.94 -1.42
CA CYS B 120 23.98 -13.09 -0.58
C CYS B 120 23.46 -13.13 0.88
N ALA B 121 22.14 -13.04 1.06
CA ALA B 121 21.57 -13.06 2.46
C ALA B 121 21.85 -14.39 3.16
N GLN B 122 21.72 -15.51 2.45
CA GLN B 122 22.06 -16.80 3.10
C GLN B 122 23.50 -16.81 3.58
N GLU B 123 24.44 -16.41 2.70
CA GLU B 123 25.85 -16.39 3.09
C GLU B 123 26.14 -15.33 4.17
N ALA B 124 25.57 -14.15 4.06
CA ALA B 124 25.72 -13.16 5.11
C ALA B 124 25.22 -13.68 6.48
N ALA B 125 24.07 -14.37 6.50
CA ALA B 125 23.51 -14.84 7.79
C ALA B 125 24.48 -15.81 8.44
N LYS B 126 25.13 -16.66 7.64
CA LYS B 126 26.10 -17.63 8.17
C LYS B 126 27.29 -16.90 8.85
N LEU B 127 27.73 -15.80 8.28
CA LEU B 127 28.81 -15.00 8.92
C LEU B 127 28.31 -14.17 10.08
N MET B 128 27.09 -13.63 9.95
CA MET B 128 26.54 -12.76 11.00
C MET B 128 26.35 -13.58 12.32
N GLU B 129 26.09 -14.87 12.16
CA GLU B 129 25.94 -15.64 13.40
C GLU B 129 27.20 -15.68 14.26
N LYS B 130 28.38 -15.40 13.71
CA LYS B 130 29.61 -15.43 14.54
C LYS B 130 29.61 -14.37 15.62
N ASN B 131 28.84 -13.29 15.43
CA ASN B 131 28.78 -12.25 16.47
C ASN B 131 27.35 -11.96 16.91
N GLY B 132 26.43 -12.85 16.58
CA GLY B 132 25.11 -12.79 17.18
C GLY B 132 24.08 -11.95 16.43
N GLY B 133 24.42 -11.52 15.20
CA GLY B 133 23.37 -10.81 14.39
C GLY B 133 23.95 -9.83 13.40
N GLY B 134 23.10 -9.01 12.81
CA GLY B 134 23.59 -8.07 11.77
C GLY B 134 22.42 -7.33 11.14
N HIS B 135 22.73 -6.56 10.12
CA HIS B 135 21.69 -5.78 9.37
C HIS B 135 21.93 -6.01 7.87
N ILE B 136 20.83 -6.12 7.13
CA ILE B 136 20.86 -6.29 5.68
C ILE B 136 19.91 -5.17 5.18
N VAL B 137 20.41 -4.39 4.23
CA VAL B 137 19.58 -3.32 3.62
C VAL B 137 19.73 -3.48 2.11
N SER B 138 18.61 -3.45 1.39
CA SER B 138 18.69 -3.57 -0.09
C SER B 138 18.22 -2.21 -0.66
N ILE B 139 18.72 -1.90 -1.85
CA ILE B 139 18.32 -0.63 -2.53
C ILE B 139 17.30 -0.95 -3.62
N SER B 140 16.20 -0.21 -3.61
CA SER B 140 15.11 -0.41 -4.57
C SER B 140 14.76 0.94 -5.19
N SER B 141 13.66 0.99 -5.93
CA SER B 141 13.26 2.26 -6.56
C SER B 141 11.74 2.33 -6.68
N LEU B 142 11.24 3.52 -7.09
CA LEU B 142 9.79 3.69 -7.26
C LEU B 142 9.20 2.78 -8.32
N GLY B 143 10.06 2.22 -9.17
CA GLY B 143 9.52 1.31 -10.21
C GLY B 143 9.07 -0.03 -9.72
N SER B 144 9.34 -0.33 -8.48
CA SER B 144 8.82 -1.57 -7.89
C SER B 144 7.30 -1.57 -7.77
N ILE B 145 6.75 -0.37 -7.51
CA ILE B 145 5.29 -0.31 -7.14
C ILE B 145 4.58 0.57 -8.13
N ARG B 146 5.33 1.32 -8.92
CA ARG B 146 4.74 2.20 -9.98
C ARG B 146 5.27 1.78 -11.34
N TYR B 147 4.68 2.37 -12.40
CA TYR B 147 5.17 2.19 -13.75
C TYR B 147 6.21 3.26 -14.06
N LEU B 148 7.39 2.83 -14.45
CA LEU B 148 8.42 3.75 -15.00
C LEU B 148 8.69 3.35 -16.41
N GLU B 149 8.66 4.31 -17.32
CA GLU B 149 8.82 3.95 -18.73
C GLU B 149 10.17 3.23 -19.02
N ASN B 150 10.06 2.17 -19.83
CA ASN B 150 11.17 1.27 -20.25
C ASN B 150 11.73 0.39 -19.12
N TYR B 151 11.17 0.50 -17.91
CA TYR B 151 11.83 -0.13 -16.75
C TYR B 151 11.26 -1.47 -16.39
N THR B 152 10.42 -2.07 -17.24
CA THR B 152 9.80 -3.38 -16.82
C THR B 152 10.75 -4.38 -16.15
N THR B 153 11.88 -4.72 -16.82
CA THR B 153 12.73 -5.81 -16.23
C THR B 153 13.17 -5.42 -14.81
N VAL B 154 13.65 -4.18 -14.66
CA VAL B 154 14.25 -3.75 -13.39
C VAL B 154 13.11 -3.60 -12.37
N GLY B 155 11.98 -3.01 -12.79
CA GLY B 155 10.85 -2.75 -11.83
C GLY B 155 10.32 -4.06 -11.28
N VAL B 156 10.16 -5.05 -12.17
CA VAL B 156 9.69 -6.36 -11.73
C VAL B 156 10.76 -6.98 -10.78
N SER B 157 12.02 -6.82 -11.14
CA SER B 157 13.10 -7.36 -10.25
C SER B 157 13.09 -6.65 -8.89
N LYS B 158 12.78 -5.34 -8.83
CA LYS B 158 12.79 -4.64 -7.52
C LYS B 158 11.55 -5.03 -6.75
N ALA B 159 10.43 -5.30 -7.44
CA ALA B 159 9.26 -5.80 -6.66
C ALA B 159 9.61 -7.16 -6.00
N ALA B 160 10.29 -8.02 -6.73
CA ALA B 160 10.76 -9.32 -6.20
C ALA B 160 11.72 -9.04 -5.01
N LEU B 161 12.62 -8.07 -5.20
CA LEU B 161 13.60 -7.71 -4.14
C LEU B 161 12.89 -7.27 -2.89
N GLU B 162 11.84 -6.44 -3.02
CA GLU B 162 11.11 -5.96 -1.82
C GLU B 162 10.32 -7.11 -1.15
N ALA B 163 9.78 -8.05 -1.96
CA ALA B 163 9.03 -9.20 -1.34
C ALA B 163 10.09 -10.09 -0.64
N LEU B 164 11.24 -10.26 -1.29
CA LEU B 164 12.29 -11.08 -0.63
C LEU B 164 12.73 -10.46 0.70
N THR B 165 12.82 -9.13 0.70
CA THR B 165 13.09 -8.35 1.94
C THR B 165 12.13 -8.70 3.08
N ARG B 166 10.85 -8.80 2.74
CA ARG B 166 9.88 -9.18 3.78
C ARG B 166 10.10 -10.62 4.27
N TYR B 167 10.30 -11.57 3.35
CA TYR B 167 10.47 -13.00 3.75
C TYR B 167 11.71 -13.13 4.57
N LEU B 168 12.80 -12.46 4.12
CA LEU B 168 14.06 -12.57 4.92
C LEU B 168 13.87 -11.88 6.28
N ALA B 169 13.13 -10.74 6.30
CA ALA B 169 12.98 -10.04 7.57
C ALA B 169 12.31 -10.91 8.62
N VAL B 170 11.37 -11.70 8.18
CA VAL B 170 10.67 -12.64 9.15
C VAL B 170 11.61 -13.76 9.50
N GLU B 171 12.09 -14.49 8.47
CA GLU B 171 12.83 -15.72 8.73
C GLU B 171 14.21 -15.57 9.32
N LEU B 172 14.84 -14.40 9.13
CA LEU B 172 16.15 -14.16 9.76
C LEU B 172 16.03 -13.51 11.12
N SER B 173 14.83 -13.10 11.52
CA SER B 173 14.69 -12.48 12.85
C SER B 173 15.19 -13.36 14.02
N PRO B 174 15.02 -14.70 13.96
CA PRO B 174 15.54 -15.54 15.08
C PRO B 174 17.04 -15.47 15.21
N LYS B 175 17.76 -15.10 14.13
CA LYS B 175 19.19 -14.93 14.15
C LYS B 175 19.63 -13.47 14.52
N GLN B 176 18.67 -12.63 14.95
CA GLN B 176 18.89 -11.23 15.28
C GLN B 176 19.47 -10.51 14.05
N ILE B 177 18.90 -10.81 12.87
CA ILE B 177 19.36 -10.07 11.64
C ILE B 177 18.15 -9.20 11.23
N ILE B 178 18.40 -7.89 11.09
CA ILE B 178 17.32 -6.91 10.77
C ILE B 178 17.40 -6.60 9.27
N VAL B 179 16.31 -6.83 8.55
CA VAL B 179 16.35 -6.74 7.06
C VAL B 179 15.32 -5.73 6.60
N ASN B 180 15.76 -4.70 5.86
CA ASN B 180 14.82 -3.69 5.33
C ASN B 180 15.33 -3.24 3.95
N ALA B 181 14.61 -2.31 3.35
CA ALA B 181 15.07 -1.74 2.05
C ALA B 181 14.81 -0.21 2.02
N VAL B 182 15.50 0.42 1.07
CA VAL B 182 15.37 1.86 0.83
C VAL B 182 15.04 2.02 -0.63
N SER B 183 13.97 2.75 -0.97
CA SER B 183 13.61 2.89 -2.36
C SER B 183 13.80 4.36 -2.76
N GLY B 184 14.52 4.60 -3.85
CA GLY B 184 14.78 5.98 -4.20
C GLY B 184 13.99 6.48 -5.39
N GLY B 185 13.73 7.79 -5.42
CA GLY B 185 13.34 8.40 -6.69
C GLY B 185 14.63 8.55 -7.55
N ALA B 186 14.50 9.25 -8.69
CA ALA B 186 15.60 9.37 -9.66
C ALA B 186 16.77 10.18 -9.08
N ILE B 187 18.02 9.74 -9.41
CA ILE B 187 19.25 10.41 -8.86
C ILE B 187 20.15 10.66 -10.10
N ASP B 188 20.77 11.83 -10.19
CA ASP B 188 21.68 12.03 -11.32
C ASP B 188 23.02 11.25 -11.17
N THR B 189 23.05 10.02 -11.68
CA THR B 189 24.20 9.11 -11.54
C THR B 189 24.48 8.52 -12.93
N ASP B 190 25.54 7.68 -13.01
CA ASP B 190 25.92 7.07 -14.29
C ASP B 190 24.77 6.14 -14.74
N ALA B 191 23.95 5.66 -13.79
CA ALA B 191 22.97 4.67 -14.17
C ALA B 191 21.87 5.32 -15.05
N LEU B 192 21.62 6.63 -14.92
CA LEU B 192 20.53 7.25 -15.74
C LEU B 192 20.81 7.12 -17.21
N LYS B 193 22.09 6.96 -17.56
CA LYS B 193 22.44 6.82 -19.00
C LYS B 193 21.88 5.54 -19.62
N HIS B 194 21.47 4.58 -18.79
CA HIS B 194 20.83 3.39 -19.35
C HIS B 194 19.46 3.70 -19.93
N PHE B 195 18.81 4.77 -19.49
CA PHE B 195 17.44 5.05 -19.93
C PHE B 195 17.40 5.79 -21.27
N PRO B 196 16.65 5.27 -22.24
CA PRO B 196 16.56 6.07 -23.46
C PRO B 196 15.80 7.39 -23.20
N ASN B 197 14.95 7.46 -22.17
CA ASN B 197 14.23 8.68 -21.78
C ASN B 197 14.90 9.43 -20.56
N ARG B 198 16.20 9.39 -20.45
CA ARG B 198 16.94 10.05 -19.34
C ARG B 198 16.50 11.49 -19.20
N GLU B 199 16.40 12.22 -20.33
CA GLU B 199 16.03 13.67 -20.18
C GLU B 199 14.64 13.85 -19.59
N ASP B 200 13.70 13.00 -19.97
CA ASP B 200 12.35 13.11 -19.42
C ASP B 200 12.32 12.80 -17.94
N LEU B 201 13.13 11.84 -17.49
CA LEU B 201 13.20 11.51 -16.03
C LEU B 201 13.77 12.66 -15.23
N LEU B 202 14.86 13.25 -15.77
CA LEU B 202 15.43 14.43 -15.09
C LEU B 202 14.53 15.63 -15.02
N GLU B 203 13.85 15.94 -16.11
CA GLU B 203 12.97 17.08 -16.19
C GLU B 203 11.87 16.83 -15.16
N ASP B 204 11.36 15.63 -15.14
CA ASP B 204 10.26 15.35 -14.21
C ASP B 204 10.75 15.50 -12.77
N ALA B 205 11.92 14.97 -12.46
CA ALA B 205 12.39 14.95 -11.05
C ALA B 205 12.66 16.39 -10.65
N ARG B 206 13.26 17.16 -11.57
CA ARG B 206 13.58 18.59 -11.26
C ARG B 206 12.36 19.50 -11.10
N GLN B 207 11.32 19.24 -11.86
CA GLN B 207 10.12 20.13 -11.90
C GLN B 207 9.00 19.74 -10.93
N ASN B 208 8.93 18.45 -10.61
CA ASN B 208 7.72 17.93 -9.95
C ASN B 208 8.01 17.37 -8.56
N THR B 209 9.27 17.37 -8.11
CA THR B 209 9.54 16.93 -6.69
C THR B 209 9.19 18.04 -5.71
N PRO B 210 8.28 17.76 -4.76
CA PRO B 210 7.79 18.82 -3.81
C PRO B 210 8.95 19.43 -3.04
N ALA B 211 9.99 18.62 -2.74
CA ALA B 211 11.13 19.15 -2.01
C ALA B 211 11.88 20.27 -2.74
N GLY B 212 11.72 20.36 -4.04
CA GLY B 212 12.31 21.43 -4.82
C GLY B 212 13.67 21.12 -5.36
N ARG B 213 14.14 19.88 -5.19
CA ARG B 213 15.41 19.41 -5.78
C ARG B 213 15.31 17.88 -5.98
N MET B 214 16.24 17.30 -6.74
CA MET B 214 16.31 15.87 -6.93
C MET B 214 16.94 15.21 -5.73
N VAL B 215 16.54 13.94 -5.52
CA VAL B 215 17.27 13.05 -4.60
C VAL B 215 18.76 13.03 -5.00
N GLU B 216 19.61 12.97 -3.98
CA GLU B 216 21.06 12.82 -4.19
C GLU B 216 21.54 11.53 -3.55
N ILE B 217 22.76 11.11 -3.94
CA ILE B 217 23.25 9.84 -3.40
C ILE B 217 23.30 9.94 -1.89
N LYS B 218 23.70 11.13 -1.40
CA LYS B 218 23.83 11.35 0.05
C LYS B 218 22.49 11.01 0.77
N ASP B 219 21.31 11.33 0.18
CA ASP B 219 20.01 11.08 0.86
C ASP B 219 19.79 9.58 0.95
N MET B 220 20.20 8.82 -0.07
CA MET B 220 20.08 7.34 0.00
C MET B 220 20.96 6.78 1.10
N VAL B 221 22.18 7.30 1.15
CA VAL B 221 23.22 6.78 2.09
C VAL B 221 22.76 7.15 3.53
N ASP B 222 22.14 8.32 3.69
CA ASP B 222 21.67 8.74 5.03
C ASP B 222 20.68 7.73 5.55
N THR B 223 19.77 7.28 4.68
CA THR B 223 18.79 6.24 5.12
C THR B 223 19.43 4.88 5.39
N VAL B 224 20.38 4.48 4.52
CA VAL B 224 21.13 3.24 4.73
C VAL B 224 21.76 3.29 6.10
N GLU B 225 22.45 4.41 6.38
CA GLU B 225 23.17 4.55 7.66
C GLU B 225 22.24 4.41 8.84
N PHE B 226 21.03 4.98 8.75
CA PHE B 226 20.06 4.86 9.83
C PHE B 226 19.61 3.38 9.98
N LEU B 227 19.33 2.74 8.86
CA LEU B 227 18.75 1.41 8.92
C LEU B 227 19.75 0.41 9.48
N VAL B 228 21.06 0.68 9.39
CA VAL B 228 22.06 -0.24 10.03
C VAL B 228 22.59 0.18 11.44
N SER B 229 22.01 1.21 12.05
CA SER B 229 22.65 1.92 13.16
C SER B 229 22.41 1.43 14.62
N SER B 230 21.48 0.50 14.75
CA SER B 230 20.86 0.09 16.08
C SER B 230 19.69 0.97 16.48
N LYS B 231 19.49 2.07 15.78
CA LYS B 231 18.30 2.94 16.02
C LYS B 231 17.10 2.49 15.22
N ALA B 232 17.26 1.43 14.40
CA ALA B 232 16.17 1.00 13.56
C ALA B 232 15.95 -0.47 13.76
N ASP B 233 16.33 -1.01 14.93
CA ASP B 233 16.22 -2.47 15.08
C ASP B 233 14.80 -2.99 15.09
N MET B 234 13.76 -2.17 15.24
CA MET B 234 12.37 -2.74 15.23
C MET B 234 11.64 -2.33 13.97
N ILE B 235 12.36 -1.78 13.01
CA ILE B 235 11.83 -1.63 11.65
C ILE B 235 12.23 -2.90 10.94
N ARG B 236 11.27 -3.67 10.45
CA ARG B 236 11.57 -5.00 9.83
C ARG B 236 10.70 -5.24 8.63
N GLY B 237 11.38 -5.54 7.49
CA GLY B 237 10.72 -5.89 6.22
C GLY B 237 10.02 -4.70 5.58
N GLN B 238 10.42 -3.49 5.96
CA GLN B 238 9.84 -2.25 5.39
C GLN B 238 10.71 -1.71 4.27
N THR B 239 10.10 -1.05 3.29
CA THR B 239 10.88 -0.32 2.29
C THR B 239 10.64 1.17 2.52
N ILE B 240 11.68 1.91 2.91
CA ILE B 240 11.51 3.37 3.14
C ILE B 240 11.71 4.13 1.83
N ILE B 241 10.70 4.95 1.46
CA ILE B 241 10.79 5.71 0.21
C ILE B 241 11.43 7.08 0.42
N VAL B 242 12.49 7.31 -0.36
CA VAL B 242 13.31 8.57 -0.26
C VAL B 242 13.16 9.18 -1.66
N ASP B 243 12.19 10.08 -1.79
CA ASP B 243 11.92 10.68 -3.14
C ASP B 243 11.51 12.13 -3.14
N GLY B 244 11.72 12.81 -2.05
CA GLY B 244 11.38 14.27 -1.94
C GLY B 244 9.89 14.53 -2.00
N GLY B 245 9.07 13.48 -1.85
CA GLY B 245 7.61 13.62 -1.94
C GLY B 245 7.09 13.37 -3.35
N ARG B 246 7.95 13.01 -4.30
CA ARG B 246 7.50 12.92 -5.73
C ARG B 246 6.33 11.92 -5.93
N SER B 247 6.42 10.79 -5.27
CA SER B 247 5.41 9.73 -5.48
C SER B 247 3.99 10.09 -4.90
N LEU B 248 3.93 11.14 -4.10
CA LEU B 248 2.64 11.57 -3.49
C LEU B 248 1.72 12.16 -4.56
N LEU B 249 2.32 12.81 -5.53
CA LEU B 249 1.49 13.57 -6.48
C LEU B 249 0.73 12.66 -7.44
N VAL B 250 -0.34 13.23 -8.02
CA VAL B 250 -0.86 12.74 -9.31
C VAL B 250 -0.44 13.69 -10.55
N LEU B 251 -1.08 14.88 -10.64
CA LEU B 251 -0.85 15.90 -11.64
C LEU B 251 0.54 16.55 -11.48
N ASN C 4 -18.26 -16.04 -31.67
CA ASN C 4 -17.68 -16.81 -30.47
C ASN C 4 -16.25 -16.35 -30.16
N LYS C 5 -16.12 -15.68 -29.00
CA LYS C 5 -14.80 -15.29 -28.49
C LYS C 5 -14.05 -16.51 -27.98
N CYS C 6 -12.76 -16.34 -27.72
CA CYS C 6 -11.91 -17.46 -27.29
C CYS C 6 -11.16 -17.03 -26.02
N ALA C 7 -11.07 -17.96 -25.06
CA ALA C 7 -10.34 -17.71 -23.82
C ALA C 7 -9.32 -18.81 -23.57
N LEU C 8 -8.12 -18.40 -23.17
CA LEU C 8 -7.09 -19.35 -22.70
C LEU C 8 -7.00 -19.22 -21.17
N VAL C 9 -6.89 -20.37 -20.49
CA VAL C 9 -6.58 -20.34 -19.04
C VAL C 9 -5.43 -21.28 -18.86
N THR C 10 -4.28 -20.74 -18.41
CA THR C 10 -3.14 -21.64 -18.14
C THR C 10 -3.41 -22.48 -16.91
N GLY C 11 -2.91 -23.72 -16.90
CA GLY C 11 -3.14 -24.59 -15.73
C GLY C 11 -4.61 -24.85 -15.46
N SER C 12 -5.35 -25.29 -16.48
CA SER C 12 -6.81 -25.43 -16.33
C SER C 12 -7.27 -26.86 -16.31
N SER C 13 -6.37 -27.77 -15.94
CA SER C 13 -6.75 -29.20 -15.74
C SER C 13 -7.54 -29.44 -14.43
N ARG C 14 -7.37 -28.58 -13.44
CA ARG C 14 -8.01 -28.74 -12.13
C ARG C 14 -8.03 -27.38 -11.40
N GLY C 15 -8.71 -27.32 -10.24
CA GLY C 15 -8.61 -26.14 -9.32
C GLY C 15 -9.21 -24.87 -9.91
N VAL C 16 -8.60 -23.74 -9.58
CA VAL C 16 -9.18 -22.46 -9.98
C VAL C 16 -9.22 -22.38 -11.54
N GLY C 17 -8.18 -22.86 -12.20
CA GLY C 17 -8.06 -22.69 -13.66
C GLY C 17 -9.16 -23.47 -14.36
N LYS C 18 -9.38 -24.69 -13.88
CA LYS C 18 -10.49 -25.49 -14.44
C LYS C 18 -11.83 -24.78 -14.28
N ALA C 19 -12.14 -24.28 -13.09
CA ALA C 19 -13.42 -23.67 -12.83
C ALA C 19 -13.55 -22.37 -13.68
N ALA C 20 -12.44 -21.65 -13.84
CA ALA C 20 -12.52 -20.42 -14.64
C ALA C 20 -12.85 -20.78 -16.10
N ALA C 21 -12.23 -21.84 -16.60
CA ALA C 21 -12.45 -22.25 -18.01
C ALA C 21 -13.93 -22.67 -18.20
N ILE C 22 -14.44 -23.44 -17.24
CA ILE C 22 -15.86 -23.82 -17.26
C ILE C 22 -16.77 -22.61 -17.24
N ARG C 23 -16.52 -21.66 -16.35
CA ARG C 23 -17.35 -20.48 -16.28
C ARG C 23 -17.36 -19.73 -17.60
N LEU C 24 -16.18 -19.51 -18.18
CA LEU C 24 -16.12 -18.78 -19.49
C LEU C 24 -16.88 -19.58 -20.57
N ALA C 25 -16.76 -20.92 -20.53
CA ALA C 25 -17.48 -21.75 -21.51
C ALA C 25 -18.98 -21.56 -21.30
N GLU C 26 -19.42 -21.52 -20.04
CA GLU C 26 -20.88 -21.28 -19.73
C GLU C 26 -21.30 -19.94 -20.30
N ASN C 27 -20.38 -18.95 -20.33
CA ASN C 27 -20.64 -17.64 -20.92
C ASN C 27 -20.43 -17.58 -22.44
N GLY C 28 -20.18 -18.71 -23.08
CA GLY C 28 -20.17 -18.70 -24.57
C GLY C 28 -18.77 -18.65 -25.20
N TYR C 29 -17.69 -18.57 -24.40
CA TYR C 29 -16.33 -18.64 -24.94
C TYR C 29 -15.86 -20.01 -25.39
N ASN C 30 -15.22 -20.07 -26.58
CA ASN C 30 -14.46 -21.26 -26.92
C ASN C 30 -13.23 -21.28 -25.98
N ILE C 31 -12.74 -22.46 -25.65
CA ILE C 31 -11.74 -22.57 -24.58
C ILE C 31 -10.47 -23.21 -24.99
N VAL C 32 -9.34 -22.62 -24.52
CA VAL C 32 -8.09 -23.38 -24.62
C VAL C 32 -7.69 -23.86 -23.22
N ILE C 33 -7.64 -25.19 -23.03
CA ILE C 33 -7.21 -25.84 -21.76
C ILE C 33 -5.70 -26.06 -21.89
N ASN C 34 -5.00 -25.83 -20.79
CA ASN C 34 -3.56 -25.97 -20.79
C ASN C 34 -3.14 -26.76 -19.54
N TYR C 35 -2.11 -27.58 -19.73
CA TYR C 35 -1.57 -28.39 -18.56
C TYR C 35 -0.10 -28.67 -18.82
N ALA C 36 0.63 -29.22 -17.83
CA ALA C 36 2.05 -29.55 -18.00
C ALA C 36 2.17 -31.06 -17.95
N ARG C 37 1.46 -31.65 -17.01
CA ARG C 37 1.56 -33.10 -16.82
C ARG C 37 0.24 -33.84 -16.62
N SER C 38 -0.81 -33.17 -16.19
CA SER C 38 -2.10 -33.82 -15.88
C SER C 38 -2.98 -33.97 -17.10
N LYS C 39 -2.46 -34.74 -18.06
CA LYS C 39 -3.18 -35.04 -19.30
C LYS C 39 -4.61 -35.55 -19.13
N LYS C 40 -4.83 -36.60 -18.34
CA LYS C 40 -6.21 -37.16 -18.17
C LYS C 40 -7.13 -36.17 -17.64
N ALA C 41 -6.67 -35.40 -16.65
CA ALA C 41 -7.50 -34.40 -16.03
C ALA C 41 -7.88 -33.34 -17.04
N ALA C 42 -6.89 -32.96 -17.85
CA ALA C 42 -7.11 -31.92 -18.89
C ALA C 42 -8.18 -32.42 -19.88
N LEU C 43 -8.02 -33.69 -20.30
CA LEU C 43 -8.96 -34.28 -21.24
C LEU C 43 -10.36 -34.43 -20.70
N GLU C 44 -10.46 -34.78 -19.40
CA GLU C 44 -11.79 -34.81 -18.75
C GLU C 44 -12.45 -33.47 -18.70
N THR C 45 -11.65 -32.45 -18.37
CA THR C 45 -12.11 -31.07 -18.35
C THR C 45 -12.66 -30.67 -19.73
N ALA C 46 -11.90 -30.95 -20.78
CA ALA C 46 -12.30 -30.62 -22.18
C ALA C 46 -13.65 -31.29 -22.50
N GLU C 47 -13.76 -32.54 -22.12
CA GLU C 47 -15.03 -33.29 -22.34
C GLU C 47 -16.22 -32.67 -21.64
N GLU C 48 -16.03 -32.30 -20.39
CA GLU C 48 -17.04 -31.53 -19.65
C GLU C 48 -17.44 -30.23 -20.37
N ILE C 49 -16.43 -29.49 -20.84
CA ILE C 49 -16.70 -28.25 -21.49
C ILE C 49 -17.39 -28.42 -22.86
N GLU C 50 -16.97 -29.44 -23.63
CA GLU C 50 -17.62 -29.69 -24.92
C GLU C 50 -19.14 -29.88 -24.75
N LYS C 51 -19.59 -30.33 -23.57
CA LYS C 51 -21.04 -30.60 -23.35
C LYS C 51 -21.78 -29.30 -23.23
N LEU C 52 -21.05 -28.19 -23.03
CA LEU C 52 -21.69 -26.90 -22.89
C LEU C 52 -21.88 -26.29 -24.23
N GLY C 53 -21.46 -26.94 -25.29
CA GLY C 53 -21.73 -26.40 -26.62
C GLY C 53 -20.69 -25.45 -27.20
N VAL C 54 -19.47 -25.45 -26.65
CA VAL C 54 -18.40 -24.64 -27.23
C VAL C 54 -17.27 -25.54 -27.70
N LYS C 55 -16.35 -24.97 -28.46
CA LYS C 55 -15.18 -25.68 -28.98
C LYS C 55 -14.06 -25.56 -27.95
N VAL C 56 -13.33 -26.65 -27.80
CA VAL C 56 -12.19 -26.74 -26.87
C VAL C 56 -10.91 -27.19 -27.60
N LEU C 57 -9.78 -26.60 -27.20
CA LEU C 57 -8.48 -26.97 -27.72
C LEU C 57 -7.67 -27.30 -26.48
N VAL C 58 -7.04 -28.49 -26.47
CA VAL C 58 -6.20 -28.85 -25.30
C VAL C 58 -4.77 -28.75 -25.70
N VAL C 59 -3.97 -27.99 -24.94
CA VAL C 59 -2.54 -27.83 -25.32
C VAL C 59 -1.64 -28.15 -24.15
N LYS C 60 -0.79 -29.15 -24.30
CA LYS C 60 0.26 -29.38 -23.30
C LYS C 60 1.38 -28.33 -23.48
N ALA C 61 1.61 -27.51 -22.44
CA ALA C 61 2.74 -26.58 -22.47
C ALA C 61 3.14 -26.22 -21.09
N ASN C 62 4.38 -26.57 -20.78
CA ASN C 62 4.96 -26.10 -19.53
C ASN C 62 5.23 -24.61 -19.65
N VAL C 63 4.45 -23.82 -18.91
CA VAL C 63 4.56 -22.36 -19.13
C VAL C 63 5.88 -21.75 -18.57
N GLY C 64 6.70 -22.55 -17.85
CA GLY C 64 8.05 -22.09 -17.46
C GLY C 64 9.01 -22.05 -18.64
N GLN C 65 8.57 -22.53 -19.84
CA GLN C 65 9.44 -22.56 -21.05
C GLN C 65 8.89 -21.68 -22.13
N PRO C 66 9.50 -20.51 -22.34
CA PRO C 66 8.93 -19.65 -23.37
C PRO C 66 8.78 -20.28 -24.76
N ALA C 67 9.66 -21.24 -25.14
CA ALA C 67 9.44 -21.97 -26.44
C ALA C 67 8.12 -22.74 -26.50
N LYS C 68 7.70 -23.33 -25.38
CA LYS C 68 6.45 -24.11 -25.29
C LYS C 68 5.30 -23.13 -25.27
N ILE C 69 5.50 -21.94 -24.68
CA ILE C 69 4.46 -20.91 -24.71
C ILE C 69 4.22 -20.49 -26.20
N LYS C 70 5.32 -20.24 -26.91
CA LYS C 70 5.21 -19.77 -28.30
C LYS C 70 4.46 -20.81 -29.12
N GLU C 71 4.81 -22.09 -28.94
CA GLU C 71 4.12 -23.17 -29.64
C GLU C 71 2.64 -23.26 -29.33
N MET C 72 2.29 -23.11 -28.04
CA MET C 72 0.89 -23.10 -27.66
C MET C 72 0.12 -21.93 -28.33
N PHE C 73 0.70 -20.71 -28.37
CA PHE C 73 -0.08 -19.63 -28.97
C PHE C 73 -0.16 -19.78 -30.52
N GLN C 74 0.86 -20.35 -31.14
CA GLN C 74 0.69 -20.70 -32.58
C GLN C 74 -0.45 -21.66 -32.81
N GLN C 75 -0.62 -22.64 -31.92
CA GLN C 75 -1.79 -23.55 -32.08
C GLN C 75 -3.15 -22.79 -31.88
N ILE C 76 -3.20 -21.88 -30.92
CA ILE C 76 -4.40 -21.10 -30.72
C ILE C 76 -4.71 -20.23 -31.93
N ASP C 77 -3.69 -19.63 -32.52
CA ASP C 77 -3.95 -18.80 -33.69
C ASP C 77 -4.46 -19.64 -34.87
N GLU C 78 -3.80 -20.79 -35.07
CA GLU C 78 -4.25 -21.65 -36.17
C GLU C 78 -5.67 -22.17 -35.99
N THR C 79 -6.02 -22.56 -34.76
CA THR C 79 -7.29 -23.18 -34.48
C THR C 79 -8.44 -22.18 -34.44
N PHE C 80 -8.25 -21.04 -33.75
CA PHE C 80 -9.32 -20.05 -33.55
C PHE C 80 -9.10 -18.76 -34.23
N GLY C 81 -7.85 -18.48 -34.56
CA GLY C 81 -7.55 -17.23 -35.29
C GLY C 81 -7.68 -15.96 -34.46
N ARG C 82 -7.86 -16.10 -33.13
CA ARG C 82 -8.13 -14.95 -32.29
C ARG C 82 -7.87 -15.40 -30.84
N LEU C 83 -7.84 -14.40 -29.97
CA LEU C 83 -7.86 -14.68 -28.52
C LEU C 83 -8.37 -13.46 -27.83
N ASP C 84 -9.37 -13.63 -26.97
CA ASP C 84 -10.06 -12.48 -26.37
C ASP C 84 -9.76 -12.34 -24.86
N VAL C 85 -9.53 -13.48 -24.21
CA VAL C 85 -9.33 -13.52 -22.76
C VAL C 85 -8.15 -14.44 -22.48
N PHE C 86 -7.26 -14.00 -21.62
CA PHE C 86 -6.18 -14.83 -21.20
C PHE C 86 -6.07 -14.76 -19.67
N VAL C 87 -6.22 -15.91 -19.01
CA VAL C 87 -6.14 -15.97 -17.55
C VAL C 87 -4.83 -16.70 -17.22
N ASN C 88 -3.90 -15.96 -16.60
CA ASN C 88 -2.62 -16.51 -16.17
C ASN C 88 -2.78 -17.11 -14.77
N ASN C 89 -2.98 -18.43 -14.70
CA ASN C 89 -3.38 -19.05 -13.49
C ASN C 89 -2.40 -20.12 -13.06
N ALA C 90 -1.70 -20.74 -14.00
CA ALA C 90 -0.73 -21.81 -13.59
C ALA C 90 0.29 -21.35 -12.51
N ALA C 91 0.56 -22.23 -11.53
CA ALA C 91 1.67 -21.95 -10.61
C ALA C 91 2.27 -23.23 -10.08
N SER C 92 3.51 -23.12 -9.64
CA SER C 92 4.16 -24.22 -8.98
C SER C 92 5.08 -23.53 -7.92
N GLY C 93 5.95 -24.29 -7.26
CA GLY C 93 6.79 -23.66 -6.25
C GLY C 93 7.51 -24.71 -5.44
N VAL C 94 8.40 -24.21 -4.60
CA VAL C 94 9.16 -25.05 -3.63
C VAL C 94 8.98 -24.39 -2.27
N LEU C 95 8.31 -25.09 -1.36
CA LEU C 95 7.96 -24.50 -0.04
C LEU C 95 8.96 -24.99 1.00
N ARG C 96 9.91 -24.15 1.36
CA ARG C 96 11.04 -24.55 2.25
C ARG C 96 11.39 -23.29 2.99
N PRO C 97 12.01 -23.44 4.18
CA PRO C 97 12.55 -22.21 4.80
C PRO C 97 13.58 -21.52 3.92
N VAL C 98 13.71 -20.19 4.03
CA VAL C 98 14.64 -19.46 3.15
C VAL C 98 16.06 -20.01 3.15
N MET C 99 16.59 -20.40 4.30
CA MET C 99 17.98 -20.90 4.34
C MET C 99 18.19 -22.22 3.63
N GLU C 100 17.11 -22.93 3.33
CA GLU C 100 17.28 -24.20 2.62
C GLU C 100 17.10 -24.05 1.12
N LEU C 101 16.76 -22.84 0.62
CA LEU C 101 16.49 -22.73 -0.82
C LEU C 101 17.75 -22.80 -1.68
N GLU C 102 17.64 -23.46 -2.86
CA GLU C 102 18.74 -23.59 -3.84
C GLU C 102 18.34 -22.87 -5.11
N GLU C 103 19.36 -22.59 -5.93
CA GLU C 103 19.11 -21.83 -7.15
C GLU C 103 18.06 -22.51 -8.01
N THR C 104 18.08 -23.86 -8.12
CA THR C 104 17.05 -24.56 -8.91
C THR C 104 15.61 -24.33 -8.39
N HIS C 105 15.44 -24.17 -7.07
CA HIS C 105 14.11 -23.89 -6.49
C HIS C 105 13.66 -22.51 -6.94
N TRP C 106 14.56 -21.51 -6.90
CA TRP C 106 14.19 -20.15 -7.37
C TRP C 106 13.83 -20.15 -8.84
N ASP C 107 14.68 -20.76 -9.68
CA ASP C 107 14.47 -20.67 -11.13
C ASP C 107 13.16 -21.37 -11.50
N TRP C 108 12.94 -22.56 -10.90
CA TRP C 108 11.73 -23.32 -11.18
C TRP C 108 10.48 -22.46 -10.97
N THR C 109 10.45 -21.84 -9.80
CA THR C 109 9.26 -21.14 -9.32
C THR C 109 9.11 -19.86 -10.09
N MET C 110 10.19 -19.14 -10.27
CA MET C 110 10.10 -17.86 -10.95
C MET C 110 9.73 -18.08 -12.47
N ASN C 111 10.29 -19.11 -13.09
CA ASN C 111 10.02 -19.37 -14.52
C ASN C 111 8.53 -19.69 -14.68
N ILE C 112 7.98 -20.57 -13.84
CA ILE C 112 6.58 -21.00 -14.04
C ILE C 112 5.57 -19.84 -13.68
N ASN C 113 5.90 -19.12 -12.59
CA ASN C 113 4.88 -18.25 -11.97
C ASN C 113 4.88 -16.84 -12.47
N ALA C 114 6.07 -16.33 -12.86
CA ALA C 114 6.23 -14.92 -13.20
C ALA C 114 6.74 -14.74 -14.64
N LYS C 115 7.83 -15.43 -15.00
CA LYS C 115 8.33 -15.35 -16.40
C LYS C 115 7.20 -15.72 -17.39
N ALA C 116 6.38 -16.70 -17.01
CA ALA C 116 5.31 -17.15 -17.86
C ALA C 116 4.36 -16.02 -18.26
N LEU C 117 4.01 -15.15 -17.30
CA LEU C 117 3.08 -14.08 -17.65
C LEU C 117 3.73 -13.17 -18.71
N LEU C 118 4.99 -12.84 -18.57
CA LEU C 118 5.63 -11.96 -19.60
C LEU C 118 5.52 -12.53 -21.01
N PHE C 119 5.91 -13.78 -21.18
CA PHE C 119 5.89 -14.36 -22.50
C PHE C 119 4.53 -14.69 -23.00
N CYS C 120 3.67 -15.17 -22.12
CA CYS C 120 2.31 -15.44 -22.54
C CYS C 120 1.62 -14.11 -22.90
N ALA C 121 1.81 -13.07 -22.10
CA ALA C 121 1.15 -11.79 -22.44
C ALA C 121 1.68 -11.20 -23.75
N GLN C 122 2.97 -11.35 -24.03
CA GLN C 122 3.46 -10.94 -25.37
C GLN C 122 2.74 -11.66 -26.52
N GLU C 123 2.62 -12.97 -26.42
CA GLU C 123 1.99 -13.71 -27.53
C GLU C 123 0.49 -13.42 -27.55
N ALA C 124 -0.15 -13.34 -26.36
CA ALA C 124 -1.57 -12.97 -26.32
C ALA C 124 -1.84 -11.63 -26.97
N ALA C 125 -0.96 -10.67 -26.70
CA ALA C 125 -1.19 -9.31 -27.21
C ALA C 125 -1.15 -9.25 -28.73
N LYS C 126 -0.25 -10.04 -29.34
CA LYS C 126 -0.16 -10.09 -30.82
C LYS C 126 -1.46 -10.63 -31.39
N LEU C 127 -2.08 -11.59 -30.69
CA LEU C 127 -3.38 -12.12 -31.15
C LEU C 127 -4.51 -11.16 -30.87
N MET C 128 -4.55 -10.64 -29.65
CA MET C 128 -5.61 -9.70 -29.30
C MET C 128 -5.64 -8.42 -30.12
N GLU C 129 -4.47 -7.85 -30.42
CA GLU C 129 -4.45 -6.55 -31.05
C GLU C 129 -4.99 -6.67 -32.48
N LYS C 130 -4.97 -7.88 -33.02
CA LYS C 130 -5.46 -8.15 -34.39
C LYS C 130 -6.98 -8.08 -34.44
N ASN C 131 -7.65 -8.28 -33.31
CA ASN C 131 -9.11 -8.33 -33.28
C ASN C 131 -9.78 -7.38 -32.28
N GLY C 132 -9.30 -6.17 -32.17
CA GLY C 132 -10.02 -5.30 -31.20
C GLY C 132 -9.65 -5.40 -29.71
N GLY C 133 -8.62 -6.15 -29.36
CA GLY C 133 -8.11 -6.06 -27.96
C GLY C 133 -8.54 -7.26 -27.13
N GLY C 134 -8.46 -7.13 -25.79
CA GLY C 134 -8.84 -8.28 -24.97
C GLY C 134 -8.55 -8.00 -23.49
N HIS C 135 -8.71 -9.02 -22.68
CA HIS C 135 -8.42 -8.92 -21.22
C HIS C 135 -7.45 -9.97 -20.74
N ILE C 136 -6.50 -9.54 -19.91
CA ILE C 136 -5.53 -10.50 -19.32
C ILE C 136 -5.74 -10.38 -17.77
N VAL C 137 -5.98 -11.53 -17.12
CA VAL C 137 -6.09 -11.51 -15.62
C VAL C 137 -5.12 -12.54 -15.08
N SER C 138 -4.33 -12.17 -14.06
CA SER C 138 -3.45 -13.15 -13.41
C SER C 138 -3.96 -13.45 -12.01
N ILE C 139 -3.59 -14.63 -11.51
CA ILE C 139 -4.03 -15.02 -10.20
C ILE C 139 -2.81 -14.95 -9.26
N SER C 140 -3.01 -14.28 -8.13
CA SER C 140 -1.98 -14.05 -7.17
C SER C 140 -2.49 -14.49 -5.77
N SER C 141 -1.73 -14.16 -4.73
CA SER C 141 -2.13 -14.57 -3.37
C SER C 141 -1.66 -13.50 -2.38
N LEU C 142 -2.09 -13.63 -1.13
CA LEU C 142 -1.70 -12.63 -0.14
C LEU C 142 -0.18 -12.70 0.14
N GLY C 143 0.43 -13.82 -0.19
CA GLY C 143 1.88 -13.96 0.04
C GLY C 143 2.75 -13.05 -0.78
N SER C 144 2.16 -12.41 -1.78
CA SER C 144 2.92 -11.41 -2.59
C SER C 144 3.33 -10.17 -1.75
N ILE C 145 2.47 -9.82 -0.79
CA ILE C 145 2.69 -8.59 -0.05
C ILE C 145 2.81 -8.83 1.46
N ARG C 146 2.47 -10.04 1.91
CA ARG C 146 2.56 -10.47 3.31
C ARG C 146 3.54 -11.67 3.37
N TYR C 147 3.80 -12.12 4.60
CA TYR C 147 4.63 -13.29 4.82
C TYR C 147 3.69 -14.48 5.04
N LEU C 148 3.84 -15.52 4.24
CA LEU C 148 3.23 -16.84 4.52
C LEU C 148 4.34 -17.83 4.79
N GLU C 149 4.22 -18.63 5.84
CA GLU C 149 5.31 -19.56 6.21
C GLU C 149 5.65 -20.51 5.04
N ASN C 150 6.96 -20.68 4.84
CA ASN C 150 7.61 -21.51 3.83
C ASN C 150 7.35 -21.02 2.43
N TYR C 151 6.70 -19.87 2.23
CA TYR C 151 6.19 -19.56 0.86
C TYR C 151 7.15 -18.65 0.05
N THR C 152 8.34 -18.45 0.55
CA THR C 152 9.27 -17.43 -0.05
C THR C 152 9.32 -17.50 -1.57
N THR C 153 9.70 -18.67 -2.14
CA THR C 153 9.77 -18.70 -3.62
C THR C 153 8.49 -18.25 -4.29
N VAL C 154 7.33 -18.74 -3.84
CA VAL C 154 6.08 -18.44 -4.50
C VAL C 154 5.71 -16.94 -4.24
N GLY C 155 5.90 -16.48 -2.99
CA GLY C 155 5.48 -15.10 -2.62
C GLY C 155 6.31 -14.10 -3.44
N VAL C 156 7.61 -14.38 -3.56
CA VAL C 156 8.45 -13.47 -4.38
C VAL C 156 8.03 -13.52 -5.87
N SER C 157 7.66 -14.70 -6.37
CA SER C 157 7.27 -14.77 -7.78
C SER C 157 5.93 -14.02 -7.93
N LYS C 158 5.03 -14.08 -6.92
CA LYS C 158 3.75 -13.42 -7.05
C LYS C 158 3.89 -11.90 -6.96
N ALA C 159 4.81 -11.41 -6.11
CA ALA C 159 5.14 -9.95 -6.15
C ALA C 159 5.64 -9.59 -7.54
N ALA C 160 6.49 -10.42 -8.17
CA ALA C 160 6.99 -10.15 -9.55
C ALA C 160 5.80 -10.12 -10.53
N LEU C 161 4.87 -11.09 -10.37
CA LEU C 161 3.69 -11.20 -11.23
C LEU C 161 2.81 -9.91 -11.10
N GLU C 162 2.61 -9.42 -9.87
CA GLU C 162 1.75 -8.21 -9.69
C GLU C 162 2.47 -6.97 -10.25
N ALA C 163 3.78 -6.93 -10.12
CA ALA C 163 4.51 -5.83 -10.81
C ALA C 163 4.41 -5.95 -12.34
N LEU C 164 4.57 -7.14 -12.85
CA LEU C 164 4.44 -7.28 -14.30
C LEU C 164 3.02 -6.90 -14.75
N THR C 165 2.01 -7.19 -13.91
CA THR C 165 0.63 -6.80 -14.17
C THR C 165 0.56 -5.29 -14.35
N ARG C 166 1.28 -4.52 -13.52
CA ARG C 166 1.27 -3.07 -13.67
C ARG C 166 1.91 -2.60 -14.97
N TYR C 167 3.07 -3.16 -15.26
CA TYR C 167 3.81 -2.74 -16.47
C TYR C 167 3.04 -3.13 -17.72
N LEU C 168 2.52 -4.35 -17.76
CA LEU C 168 1.66 -4.77 -18.89
C LEU C 168 0.40 -3.91 -19.00
N ALA C 169 -0.20 -3.55 -17.87
CA ALA C 169 -1.42 -2.76 -17.91
C ALA C 169 -1.19 -1.46 -18.63
N VAL C 170 -0.05 -0.82 -18.37
CA VAL C 170 0.27 0.46 -18.99
C VAL C 170 0.61 0.19 -20.46
N GLU C 171 1.61 -0.67 -20.72
CA GLU C 171 2.15 -0.73 -22.09
C GLU C 171 1.23 -1.43 -23.07
N LEU C 172 0.34 -2.28 -22.60
CA LEU C 172 -0.64 -2.91 -23.56
C LEU C 172 -1.92 -2.11 -23.72
N SER C 173 -2.13 -1.06 -22.92
CA SER C 173 -3.32 -0.19 -23.11
C SER C 173 -3.53 0.35 -24.56
N PRO C 174 -2.46 0.76 -25.26
CA PRO C 174 -2.69 1.22 -26.65
C PRO C 174 -3.22 0.12 -27.57
N LYS C 175 -3.03 -1.16 -27.22
CA LYS C 175 -3.61 -2.27 -27.97
C LYS C 175 -5.03 -2.61 -27.53
N GLN C 176 -5.63 -1.83 -26.62
CA GLN C 176 -6.98 -2.09 -26.10
C GLN C 176 -7.01 -3.39 -25.31
N ILE C 177 -5.90 -3.64 -24.56
CA ILE C 177 -5.86 -4.83 -23.70
C ILE C 177 -5.85 -4.33 -22.25
N ILE C 178 -6.75 -4.89 -21.45
CA ILE C 178 -6.96 -4.50 -20.04
C ILE C 178 -6.36 -5.62 -19.16
N VAL C 179 -5.43 -5.23 -18.29
CA VAL C 179 -4.63 -6.23 -17.57
C VAL C 179 -4.80 -5.96 -16.06
N ASN C 180 -5.19 -6.98 -15.31
CA ASN C 180 -5.35 -6.85 -13.86
C ASN C 180 -5.05 -8.20 -13.22
N ALA C 181 -5.22 -8.28 -11.89
CA ALA C 181 -4.89 -9.52 -11.15
C ALA C 181 -5.90 -9.69 -10.02
N VAL C 182 -6.03 -10.94 -9.59
CA VAL C 182 -6.91 -11.29 -8.43
C VAL C 182 -6.09 -12.06 -7.42
N SER C 183 -6.06 -11.61 -6.18
CA SER C 183 -5.25 -12.25 -5.16
C SER C 183 -6.16 -12.95 -4.16
N GLY C 184 -5.94 -14.23 -3.92
CA GLY C 184 -6.88 -14.89 -2.98
C GLY C 184 -6.29 -15.21 -1.62
N GLY C 185 -7.19 -15.33 -0.63
CA GLY C 185 -6.84 -15.96 0.65
C GLY C 185 -6.72 -17.46 0.40
N ALA C 186 -6.55 -18.24 1.47
CA ALA C 186 -6.42 -19.73 1.30
C ALA C 186 -7.69 -20.39 0.78
N ILE C 187 -7.50 -21.37 -0.12
CA ILE C 187 -8.61 -22.15 -0.72
C ILE C 187 -8.21 -23.64 -0.68
N ASP C 188 -9.19 -24.49 -0.32
CA ASP C 188 -8.86 -25.90 -0.12
C ASP C 188 -8.81 -26.65 -1.46
N THR C 189 -7.76 -26.42 -2.25
CA THR C 189 -7.56 -27.11 -3.53
C THR C 189 -6.39 -28.10 -3.39
N ASP C 190 -6.07 -28.84 -4.46
CA ASP C 190 -4.92 -29.78 -4.39
C ASP C 190 -3.60 -29.06 -4.10
N ALA C 191 -3.51 -27.76 -4.44
CA ALA C 191 -2.25 -27.02 -4.23
C ALA C 191 -1.96 -26.92 -2.75
N LEU C 192 -3.01 -26.88 -1.95
CA LEU C 192 -2.84 -26.62 -0.53
C LEU C 192 -2.13 -27.84 0.07
N LYS C 193 -2.24 -29.01 -0.58
CA LYS C 193 -1.55 -30.22 -0.04
C LYS C 193 -0.03 -30.15 -0.14
N HIS C 194 0.52 -29.22 -0.95
CA HIS C 194 2.02 -28.98 -0.96
C HIS C 194 2.53 -28.35 0.31
N PHE C 195 1.63 -27.75 1.10
CA PHE C 195 2.01 -27.05 2.32
C PHE C 195 2.12 -28.00 3.50
N PRO C 196 3.31 -28.08 4.13
CA PRO C 196 3.38 -28.86 5.37
C PRO C 196 2.44 -28.36 6.49
N ASN C 197 2.12 -27.05 6.49
CA ASN C 197 1.18 -26.48 7.45
C ASN C 197 -0.22 -26.29 6.87
N ARG C 198 -0.68 -27.15 5.95
CA ARG C 198 -2.06 -27.07 5.41
C ARG C 198 -3.11 -27.00 6.51
N GLU C 199 -2.98 -27.85 7.54
CA GLU C 199 -4.01 -27.84 8.57
C GLU C 199 -4.07 -26.47 9.29
N ASP C 200 -2.92 -25.88 9.58
CA ASP C 200 -2.90 -24.55 10.26
C ASP C 200 -3.54 -23.45 9.31
N LEU C 201 -3.29 -23.54 8.00
CA LEU C 201 -3.84 -22.55 7.02
C LEU C 201 -5.34 -22.70 6.97
N LEU C 202 -5.81 -23.97 7.01
CA LEU C 202 -7.28 -24.19 6.99
C LEU C 202 -7.96 -23.71 8.28
N GLU C 203 -7.32 -24.02 9.40
CA GLU C 203 -7.89 -23.62 10.66
C GLU C 203 -7.87 -22.08 10.76
N ASP C 204 -6.75 -21.49 10.31
CA ASP C 204 -6.64 -20.02 10.41
C ASP C 204 -7.75 -19.43 9.52
N ALA C 205 -7.95 -20.01 8.32
CA ALA C 205 -8.97 -19.44 7.40
C ALA C 205 -10.36 -19.57 7.95
N ARG C 206 -10.66 -20.73 8.57
CA ARG C 206 -11.99 -20.91 9.14
C ARG C 206 -12.25 -20.09 10.40
N GLN C 207 -11.24 -19.92 11.23
CA GLN C 207 -11.46 -19.26 12.49
C GLN C 207 -11.37 -17.78 12.40
N ASN C 208 -10.57 -17.26 11.45
CA ASN C 208 -10.15 -15.85 11.56
C ASN C 208 -10.67 -15.03 10.43
N THR C 209 -11.25 -15.64 9.42
CA THR C 209 -11.78 -14.82 8.32
C THR C 209 -13.08 -14.10 8.79
N PRO C 210 -13.13 -12.73 8.66
CA PRO C 210 -14.34 -12.02 9.17
C PRO C 210 -15.63 -12.46 8.52
N ALA C 211 -15.59 -12.85 7.24
CA ALA C 211 -16.80 -13.36 6.60
C ALA C 211 -17.39 -14.62 7.26
N GLY C 212 -16.62 -15.36 8.02
CA GLY C 212 -17.17 -16.50 8.80
C GLY C 212 -17.12 -17.80 7.99
N ARG C 213 -16.39 -17.78 6.86
CA ARG C 213 -16.21 -18.94 5.98
C ARG C 213 -14.94 -18.77 5.18
N MET C 214 -14.43 -19.85 4.62
CA MET C 214 -13.25 -19.73 3.70
C MET C 214 -13.66 -19.31 2.31
N VAL C 215 -12.69 -18.71 1.62
CA VAL C 215 -12.83 -18.44 0.23
C VAL C 215 -13.01 -19.79 -0.49
N GLU C 216 -13.85 -19.79 -1.53
CA GLU C 216 -14.04 -20.97 -2.39
C GLU C 216 -13.51 -20.63 -3.79
N ILE C 217 -13.26 -21.68 -4.54
CA ILE C 217 -12.93 -21.46 -6.00
C ILE C 217 -13.90 -20.52 -6.68
N LYS C 218 -15.20 -20.74 -6.46
CA LYS C 218 -16.23 -19.88 -7.06
C LYS C 218 -16.02 -18.37 -6.85
N ASP C 219 -15.49 -18.00 -5.70
CA ASP C 219 -15.32 -16.56 -5.36
C ASP C 219 -14.19 -16.00 -6.22
N MET C 220 -13.13 -16.79 -6.41
CA MET C 220 -12.05 -16.33 -7.34
C MET C 220 -12.60 -16.20 -8.77
N VAL C 221 -13.35 -17.21 -9.20
CA VAL C 221 -13.90 -17.22 -10.53
C VAL C 221 -14.85 -16.04 -10.73
N ASP C 222 -15.66 -15.77 -9.72
CA ASP C 222 -16.59 -14.62 -9.86
C ASP C 222 -15.85 -13.31 -10.17
N THR C 223 -14.72 -13.11 -9.49
CA THR C 223 -13.89 -11.88 -9.76
C THR C 223 -13.23 -11.90 -11.14
N VAL C 224 -12.68 -13.07 -11.52
CA VAL C 224 -12.14 -13.22 -12.91
C VAL C 224 -13.21 -12.87 -13.92
N GLU C 225 -14.41 -13.41 -13.71
CA GLU C 225 -15.49 -13.13 -14.67
C GLU C 225 -15.79 -11.64 -14.82
N PHE C 226 -15.78 -10.94 -13.69
CA PHE C 226 -15.95 -9.48 -13.71
C PHE C 226 -14.84 -8.78 -14.48
N LEU C 227 -13.60 -9.16 -14.16
CA LEU C 227 -12.38 -8.47 -14.67
C LEU C 227 -12.18 -8.73 -16.15
N VAL C 228 -12.95 -9.69 -16.71
CA VAL C 228 -12.92 -9.87 -18.21
C VAL C 228 -14.13 -9.43 -18.93
N SER C 229 -15.09 -8.74 -18.28
CA SER C 229 -16.49 -8.67 -18.71
C SER C 229 -16.97 -7.48 -19.60
N SER C 230 -16.11 -6.49 -19.76
CA SER C 230 -16.53 -5.15 -20.24
C SER C 230 -16.91 -4.17 -19.11
N LYS C 231 -17.32 -4.66 -17.99
CA LYS C 231 -17.69 -3.79 -16.88
C LYS C 231 -16.48 -3.36 -16.06
N ALA C 232 -15.29 -3.84 -16.42
CA ALA C 232 -14.09 -3.56 -15.59
C ALA C 232 -13.08 -2.89 -16.50
N ASP C 233 -13.53 -2.28 -17.64
CA ASP C 233 -12.52 -1.74 -18.56
C ASP C 233 -11.64 -0.59 -18.09
N MET C 234 -12.03 0.08 -17.02
CA MET C 234 -11.18 1.19 -16.50
C MET C 234 -10.51 0.80 -15.22
N ILE C 235 -10.55 -0.49 -14.86
CA ILE C 235 -9.70 -1.00 -13.78
C ILE C 235 -8.47 -1.50 -14.49
N ARG C 236 -7.28 -0.92 -14.19
CA ARG C 236 -6.04 -1.30 -14.91
C ARG C 236 -4.89 -1.43 -13.96
N GLY C 237 -4.20 -2.58 -14.02
CA GLY C 237 -2.99 -2.82 -13.25
C GLY C 237 -3.25 -2.98 -11.77
N GLN C 238 -4.50 -3.32 -11.40
CA GLN C 238 -4.88 -3.51 -10.01
C GLN C 238 -4.89 -4.98 -9.65
N THR C 239 -4.61 -5.26 -8.38
CA THR C 239 -4.78 -6.59 -7.88
C THR C 239 -5.96 -6.52 -6.89
N ILE C 240 -7.03 -7.23 -7.21
CA ILE C 240 -8.21 -7.24 -6.32
C ILE C 240 -8.12 -8.39 -5.32
N ILE C 241 -8.22 -8.04 -4.04
CA ILE C 241 -8.01 -9.07 -2.98
C ILE C 241 -9.37 -9.69 -2.61
N VAL C 242 -9.41 -11.01 -2.71
CA VAL C 242 -10.61 -11.82 -2.43
C VAL C 242 -10.23 -12.73 -1.27
N ASP C 243 -10.58 -12.33 -0.04
CA ASP C 243 -10.11 -13.10 1.12
C ASP C 243 -11.04 -13.03 2.28
N GLY C 244 -12.27 -12.56 2.06
CA GLY C 244 -13.27 -12.56 3.19
C GLY C 244 -12.93 -11.55 4.26
N GLY C 245 -12.00 -10.62 3.96
CA GLY C 245 -11.48 -9.69 4.94
C GLY C 245 -10.32 -10.18 5.82
N ARG C 246 -9.81 -11.36 5.55
CA ARG C 246 -8.77 -11.93 6.38
C ARG C 246 -7.56 -11.01 6.60
N SER C 247 -7.12 -10.37 5.50
CA SER C 247 -5.87 -9.61 5.51
C SER C 247 -6.05 -8.29 6.31
N LEU C 248 -7.30 -7.96 6.67
CA LEU C 248 -7.52 -6.68 7.39
C LEU C 248 -7.04 -6.78 8.80
N LEU C 249 -7.08 -7.98 9.33
CA LEU C 249 -6.88 -8.08 10.77
C LEU C 249 -5.41 -7.99 11.14
N VAL C 250 -5.18 -7.70 12.41
CA VAL C 250 -3.88 -8.08 12.99
C VAL C 250 -3.98 -9.32 13.98
N LEU C 251 -4.55 -9.03 15.18
CA LEU C 251 -4.94 -9.82 16.38
C LEU C 251 -4.48 -9.37 17.78
N ASN D 4 -39.83 -6.72 -3.05
CA ASN D 4 -38.58 -6.50 -3.84
C ASN D 4 -37.55 -5.74 -3.04
N LYS D 5 -36.27 -5.89 -3.42
CA LYS D 5 -35.21 -5.28 -2.58
C LYS D 5 -35.19 -3.75 -2.77
N CYS D 6 -34.59 -3.03 -1.82
CA CYS D 6 -34.61 -1.58 -1.87
C CYS D 6 -33.18 -1.10 -1.70
N ALA D 7 -32.82 -0.03 -2.42
CA ALA D 7 -31.46 0.53 -2.34
C ALA D 7 -31.58 2.01 -2.02
N LEU D 8 -30.65 2.53 -1.21
CA LEU D 8 -30.55 3.98 -0.97
C LEU D 8 -29.22 4.35 -1.56
N VAL D 9 -29.16 5.50 -2.25
CA VAL D 9 -27.88 6.12 -2.69
C VAL D 9 -27.92 7.54 -2.16
N THR D 10 -26.98 7.92 -1.28
CA THR D 10 -26.95 9.30 -0.80
C THR D 10 -26.43 10.19 -1.91
N GLY D 11 -26.97 11.40 -2.02
CA GLY D 11 -26.50 12.34 -3.10
C GLY D 11 -26.80 11.81 -4.50
N SER D 12 -28.09 11.45 -4.78
CA SER D 12 -28.40 10.78 -6.01
C SER D 12 -29.28 11.66 -6.89
N SER D 13 -29.25 12.98 -6.65
CA SER D 13 -29.99 13.90 -7.55
C SER D 13 -29.24 14.08 -8.85
N ARG D 14 -27.90 13.88 -8.84
CA ARG D 14 -27.16 13.99 -10.11
C ARG D 14 -25.87 13.16 -10.04
N GLY D 15 -25.10 13.16 -11.14
CA GLY D 15 -23.68 12.66 -11.10
C GLY D 15 -23.65 11.13 -10.90
N VAL D 16 -22.60 10.64 -10.21
CA VAL D 16 -22.44 9.20 -10.01
C VAL D 16 -23.65 8.65 -9.26
N GLY D 17 -24.12 9.37 -8.21
CA GLY D 17 -25.17 8.79 -7.39
C GLY D 17 -26.44 8.60 -8.20
N LYS D 18 -26.77 9.60 -9.00
CA LYS D 18 -27.97 9.46 -9.86
C LYS D 18 -27.84 8.24 -10.79
N ALA D 19 -26.69 8.10 -11.43
CA ALA D 19 -26.49 6.95 -12.29
C ALA D 19 -26.49 5.61 -11.54
N ALA D 20 -25.94 5.56 -10.31
CA ALA D 20 -25.98 4.30 -9.52
C ALA D 20 -27.45 3.95 -9.25
N ALA D 21 -28.24 4.96 -8.89
CA ALA D 21 -29.64 4.71 -8.50
C ALA D 21 -30.39 4.16 -9.75
N ILE D 22 -30.16 4.79 -10.89
CA ILE D 22 -30.78 4.32 -12.15
C ILE D 22 -30.34 2.90 -12.49
N ARG D 23 -29.03 2.59 -12.36
CA ARG D 23 -28.61 1.23 -12.63
C ARG D 23 -29.30 0.20 -11.70
N LEU D 24 -29.43 0.52 -10.41
CA LEU D 24 -30.06 -0.40 -9.42
C LEU D 24 -31.53 -0.59 -9.77
N ALA D 25 -32.17 0.51 -10.20
CA ALA D 25 -33.61 0.43 -10.63
C ALA D 25 -33.76 -0.48 -11.86
N GLU D 26 -32.81 -0.38 -12.81
CA GLU D 26 -32.79 -1.23 -13.99
C GLU D 26 -32.69 -2.69 -13.54
N ASN D 27 -31.98 -2.92 -12.42
CA ASN D 27 -31.87 -4.25 -11.78
C ASN D 27 -33.04 -4.69 -10.90
N GLY D 28 -34.12 -3.88 -10.82
CA GLY D 28 -35.34 -4.20 -10.04
C GLY D 28 -35.40 -3.70 -8.62
N TYR D 29 -34.43 -2.85 -8.20
CA TYR D 29 -34.47 -2.38 -6.82
C TYR D 29 -35.42 -1.18 -6.78
N ASN D 30 -36.27 -1.16 -5.76
CA ASN D 30 -36.95 0.12 -5.38
C ASN D 30 -35.86 1.07 -4.88
N ILE D 31 -36.03 2.36 -5.03
CA ILE D 31 -34.91 3.29 -4.81
C ILE D 31 -35.25 4.38 -3.80
N VAL D 32 -34.30 4.74 -2.92
CA VAL D 32 -34.42 5.97 -2.16
C VAL D 32 -33.43 6.94 -2.76
N ILE D 33 -33.94 8.04 -3.29
CA ILE D 33 -33.11 9.17 -3.81
C ILE D 33 -32.93 10.15 -2.63
N ASN D 34 -31.74 10.74 -2.50
CA ASN D 34 -31.43 11.59 -1.39
C ASN D 34 -30.69 12.82 -2.01
N TYR D 35 -31.05 13.99 -1.51
CA TYR D 35 -30.36 15.23 -1.86
C TYR D 35 -30.36 16.21 -0.63
N ALA D 36 -29.61 17.31 -0.76
CA ALA D 36 -29.59 18.32 0.28
C ALA D 36 -30.31 19.60 -0.16
N ARG D 37 -30.05 20.02 -1.40
CA ARG D 37 -30.68 21.23 -1.94
C ARG D 37 -31.27 21.13 -3.36
N SER D 38 -30.78 20.21 -4.19
CA SER D 38 -31.14 20.12 -5.63
C SER D 38 -32.45 19.35 -5.79
N LYS D 39 -33.54 19.95 -5.30
CA LYS D 39 -34.84 19.25 -5.25
C LYS D 39 -35.35 18.98 -6.65
N LYS D 40 -35.21 19.96 -7.54
CA LYS D 40 -35.75 19.77 -8.89
C LYS D 40 -35.10 18.59 -9.55
N ALA D 41 -33.77 18.53 -9.43
CA ALA D 41 -33.03 17.41 -10.05
C ALA D 41 -33.42 16.06 -9.39
N ALA D 42 -33.60 16.05 -8.08
CA ALA D 42 -33.98 14.81 -7.38
C ALA D 42 -35.34 14.30 -7.86
N LEU D 43 -36.26 15.24 -8.06
CA LEU D 43 -37.64 14.81 -8.53
C LEU D 43 -37.64 14.35 -9.98
N GLU D 44 -36.83 14.99 -10.82
CA GLU D 44 -36.63 14.56 -12.18
C GLU D 44 -36.03 13.14 -12.25
N THR D 45 -35.01 12.93 -11.45
CA THR D 45 -34.42 11.60 -11.31
C THR D 45 -35.49 10.57 -10.83
N ALA D 46 -36.27 10.91 -9.82
CA ALA D 46 -37.32 9.98 -9.30
C ALA D 46 -38.30 9.64 -10.44
N GLU D 47 -38.66 10.64 -11.23
CA GLU D 47 -39.60 10.40 -12.36
C GLU D 47 -39.05 9.42 -13.41
N GLU D 48 -37.79 9.61 -13.79
CA GLU D 48 -37.10 8.74 -14.70
C GLU D 48 -37.06 7.34 -14.11
N ILE D 49 -36.76 7.22 -12.84
CA ILE D 49 -36.66 5.87 -12.26
C ILE D 49 -38.05 5.18 -12.13
N GLU D 50 -39.10 5.93 -11.80
CA GLU D 50 -40.42 5.28 -11.78
C GLU D 50 -40.82 4.74 -13.16
N LYS D 51 -40.37 5.36 -14.24
CA LYS D 51 -40.59 4.81 -15.61
C LYS D 51 -40.09 3.38 -15.80
N LEU D 52 -39.09 2.99 -14.98
CA LEU D 52 -38.50 1.67 -15.06
C LEU D 52 -39.30 0.62 -14.30
N GLY D 53 -40.38 1.05 -13.64
CA GLY D 53 -41.28 0.16 -13.02
C GLY D 53 -40.99 -0.21 -11.60
N VAL D 54 -40.16 0.57 -10.90
CA VAL D 54 -39.91 0.32 -9.48
C VAL D 54 -40.49 1.51 -8.70
N LYS D 55 -40.60 1.40 -7.38
CA LYS D 55 -41.06 2.50 -6.53
C LYS D 55 -39.89 3.35 -6.14
N VAL D 56 -40.14 4.63 -5.92
CA VAL D 56 -39.09 5.55 -5.48
C VAL D 56 -39.57 6.39 -4.33
N LEU D 57 -38.71 6.56 -3.33
CA LEU D 57 -38.95 7.49 -2.26
C LEU D 57 -37.87 8.60 -2.37
N VAL D 58 -38.28 9.87 -2.29
CA VAL D 58 -37.30 10.98 -2.30
C VAL D 58 -37.17 11.56 -0.93
N VAL D 59 -35.94 11.67 -0.43
CA VAL D 59 -35.78 12.19 0.92
C VAL D 59 -34.78 13.32 0.91
N LYS D 60 -35.20 14.53 1.35
CA LYS D 60 -34.24 15.59 1.59
C LYS D 60 -33.54 15.39 2.93
N ALA D 61 -32.22 15.22 2.91
CA ALA D 61 -31.54 15.04 4.14
C ALA D 61 -30.09 15.37 3.98
N ASN D 62 -29.65 16.41 4.65
CA ASN D 62 -28.23 16.70 4.64
C ASN D 62 -27.48 15.69 5.45
N VAL D 63 -26.67 14.83 4.82
CA VAL D 63 -26.09 13.71 5.54
C VAL D 63 -24.96 14.12 6.51
N GLY D 64 -24.62 15.39 6.52
CA GLY D 64 -23.65 15.97 7.49
C GLY D 64 -24.23 16.04 8.89
N GLN D 65 -25.54 15.78 9.01
CA GLN D 65 -26.25 15.83 10.29
C GLN D 65 -26.87 14.51 10.69
N PRO D 66 -26.31 13.88 11.72
CA PRO D 66 -26.83 12.60 12.12
C PRO D 66 -28.34 12.60 12.39
N ALA D 67 -28.89 13.71 12.87
CA ALA D 67 -30.32 13.72 13.16
C ALA D 67 -31.09 13.59 11.85
N LYS D 68 -30.62 14.24 10.80
CA LYS D 68 -31.30 14.15 9.47
C LYS D 68 -31.15 12.74 8.89
N ILE D 69 -29.98 12.16 9.11
CA ILE D 69 -29.80 10.73 8.76
C ILE D 69 -30.85 9.81 9.43
N LYS D 70 -30.99 9.94 10.74
CA LYS D 70 -31.94 9.12 11.44
C LYS D 70 -33.35 9.33 10.89
N GLU D 71 -33.74 10.57 10.68
CA GLU D 71 -35.06 10.88 10.04
C GLU D 71 -35.24 10.21 8.70
N MET D 72 -34.23 10.29 7.82
CA MET D 72 -34.31 9.65 6.53
C MET D 72 -34.48 8.12 6.68
N PHE D 73 -33.73 7.47 7.56
CA PHE D 73 -33.93 5.98 7.64
C PHE D 73 -35.29 5.60 8.30
N GLN D 74 -35.78 6.47 9.17
CA GLN D 74 -37.15 6.27 9.70
C GLN D 74 -38.16 6.30 8.51
N GLN D 75 -38.03 7.24 7.58
CA GLN D 75 -38.91 7.24 6.41
C GLN D 75 -38.77 6.02 5.53
N ILE D 76 -37.52 5.56 5.38
CA ILE D 76 -37.30 4.35 4.58
C ILE D 76 -37.99 3.16 5.28
N ASP D 77 -37.87 3.06 6.57
CA ASP D 77 -38.54 1.94 7.31
C ASP D 77 -40.06 2.06 7.09
N GLU D 78 -40.59 3.28 7.18
CA GLU D 78 -42.07 3.45 7.08
C GLU D 78 -42.59 3.20 5.65
N THR D 79 -41.79 3.52 4.65
CA THR D 79 -42.21 3.37 3.28
C THR D 79 -41.95 2.02 2.70
N PHE D 80 -40.75 1.50 2.93
CA PHE D 80 -40.39 0.23 2.38
C PHE D 80 -40.23 -0.89 3.38
N GLY D 81 -39.93 -0.58 4.65
CA GLY D 81 -39.81 -1.61 5.69
C GLY D 81 -38.57 -2.51 5.57
N ARG D 82 -37.64 -2.10 4.70
CA ARG D 82 -36.43 -2.91 4.48
C ARG D 82 -35.39 -2.05 3.80
N LEU D 83 -34.16 -2.58 3.75
CA LEU D 83 -33.10 -1.94 2.94
C LEU D 83 -32.07 -3.02 2.65
N ASP D 84 -31.62 -3.07 1.42
CA ASP D 84 -30.74 -4.18 1.00
C ASP D 84 -29.39 -3.68 0.54
N VAL D 85 -29.42 -2.48 -0.03
CA VAL D 85 -28.19 -1.93 -0.63
C VAL D 85 -28.12 -0.49 -0.10
N PHE D 86 -26.91 -0.07 0.35
CA PHE D 86 -26.70 1.34 0.68
C PHE D 86 -25.41 1.83 -0.03
N VAL D 87 -25.55 2.85 -0.88
CA VAL D 87 -24.35 3.44 -1.53
C VAL D 87 -24.11 4.80 -0.92
N ASN D 88 -22.94 4.95 -0.29
CA ASN D 88 -22.55 6.20 0.37
C ASN D 88 -21.78 6.97 -0.66
N ASN D 89 -22.42 7.97 -1.26
CA ASN D 89 -21.92 8.66 -2.44
C ASN D 89 -21.85 10.18 -2.25
N ALA D 90 -22.73 10.74 -1.41
CA ALA D 90 -22.73 12.19 -1.27
C ALA D 90 -21.32 12.72 -0.80
N ALA D 91 -20.93 13.86 -1.31
CA ALA D 91 -19.69 14.52 -0.80
C ALA D 91 -19.83 16.02 -0.99
N SER D 92 -19.08 16.77 -0.16
CA SER D 92 -18.90 18.20 -0.37
C SER D 92 -17.46 18.47 0.11
N GLY D 93 -17.09 19.73 0.29
CA GLY D 93 -15.72 20.00 0.67
C GLY D 93 -15.42 21.50 0.51
N VAL D 94 -14.27 21.89 1.03
CA VAL D 94 -13.79 23.25 0.86
C VAL D 94 -12.40 23.09 0.27
N LEU D 95 -12.21 23.61 -0.93
CA LEU D 95 -10.98 23.37 -1.67
C LEU D 95 -10.13 24.64 -1.60
N ARG D 96 -9.13 24.63 -0.74
CA ARG D 96 -8.19 25.75 -0.65
C ARG D 96 -6.89 25.26 -0.07
N PRO D 97 -5.86 26.09 -0.15
CA PRO D 97 -4.59 25.67 0.39
C PRO D 97 -4.69 25.41 1.90
N VAL D 98 -3.86 24.48 2.39
CA VAL D 98 -3.94 24.11 3.79
C VAL D 98 -3.82 25.26 4.78
N MET D 99 -3.03 26.28 4.47
CA MET D 99 -2.79 27.36 5.41
C MET D 99 -3.96 28.27 5.53
N GLU D 100 -4.90 28.16 4.57
CA GLU D 100 -6.12 28.96 4.60
C GLU D 100 -7.31 28.23 5.23
N LEU D 101 -7.16 26.96 5.65
CA LEU D 101 -8.34 26.24 6.17
C LEU D 101 -8.72 26.60 7.57
N GLU D 102 -10.04 26.67 7.85
CA GLU D 102 -10.54 27.04 9.15
C GLU D 102 -11.28 25.87 9.72
N GLU D 103 -11.58 25.94 11.03
CA GLU D 103 -12.20 24.79 11.67
C GLU D 103 -13.54 24.46 11.03
N THR D 104 -14.34 25.48 10.68
CA THR D 104 -15.62 25.21 10.03
C THR D 104 -15.48 24.42 8.69
N HIS D 105 -14.39 24.64 7.97
CA HIS D 105 -14.14 24.01 6.64
C HIS D 105 -13.87 22.52 6.87
N TRP D 106 -13.11 22.23 7.94
CA TRP D 106 -12.84 20.85 8.32
C TRP D 106 -14.13 20.13 8.72
N ASP D 107 -14.86 20.73 9.66
CA ASP D 107 -16.06 20.12 10.20
C ASP D 107 -17.08 19.88 9.11
N TRP D 108 -17.30 20.87 8.23
CA TRP D 108 -18.29 20.73 7.14
C TRP D 108 -17.98 19.51 6.28
N THR D 109 -16.68 19.36 5.95
CA THR D 109 -16.28 18.36 5.00
C THR D 109 -16.30 16.99 5.67
N MET D 110 -15.70 16.91 6.88
CA MET D 110 -15.57 15.60 7.55
C MET D 110 -17.00 15.13 7.92
N ASN D 111 -17.89 16.07 8.28
CA ASN D 111 -19.23 15.64 8.66
C ASN D 111 -20.01 15.03 7.50
N ILE D 112 -19.92 15.65 6.33
CA ILE D 112 -20.71 15.20 5.17
C ILE D 112 -20.06 13.97 4.57
N ASN D 113 -18.71 13.95 4.59
CA ASN D 113 -18.04 12.95 3.69
C ASN D 113 -17.76 11.68 4.43
N ALA D 114 -17.52 11.76 5.75
CA ALA D 114 -16.98 10.57 6.46
C ALA D 114 -17.88 10.21 7.64
N LYS D 115 -18.25 11.21 8.43
CA LYS D 115 -19.15 10.96 9.59
C LYS D 115 -20.48 10.35 9.06
N ALA D 116 -20.97 10.83 7.92
CA ALA D 116 -22.20 10.33 7.29
C ALA D 116 -22.18 8.81 7.12
N LEU D 117 -21.00 8.25 6.71
CA LEU D 117 -20.99 6.80 6.53
C LEU D 117 -21.20 6.07 7.84
N LEU D 118 -20.60 6.55 8.94
CA LEU D 118 -20.79 5.87 10.19
C LEU D 118 -22.27 5.79 10.55
N PHE D 119 -22.95 6.95 10.54
CA PHE D 119 -24.36 6.98 11.02
C PHE D 119 -25.33 6.38 10.02
N CYS D 120 -25.09 6.60 8.73
CA CYS D 120 -25.88 5.86 7.73
C CYS D 120 -25.66 4.34 7.83
N ALA D 121 -24.40 3.92 8.09
CA ALA D 121 -24.16 2.45 8.13
C ALA D 121 -24.88 1.86 9.32
N GLN D 122 -24.81 2.56 10.48
CA GLN D 122 -25.54 2.04 11.68
C GLN D 122 -27.04 1.91 11.39
N GLU D 123 -27.62 2.92 10.78
CA GLU D 123 -29.06 2.84 10.45
C GLU D 123 -29.36 1.82 9.34
N ALA D 124 -28.50 1.75 8.30
CA ALA D 124 -28.65 0.69 7.28
C ALA D 124 -28.61 -0.72 7.87
N ALA D 125 -27.70 -0.94 8.81
CA ALA D 125 -27.50 -2.30 9.34
C ALA D 125 -28.76 -2.71 10.10
N LYS D 126 -29.40 -1.75 10.75
CA LYS D 126 -30.60 -2.04 11.51
C LYS D 126 -31.69 -2.53 10.57
N LEU D 127 -31.75 -1.98 9.38
CA LEU D 127 -32.78 -2.37 8.43
C LEU D 127 -32.36 -3.64 7.67
N MET D 128 -31.09 -3.73 7.31
CA MET D 128 -30.58 -4.90 6.57
C MET D 128 -30.74 -6.20 7.35
N GLU D 129 -30.51 -6.16 8.64
CA GLU D 129 -30.58 -7.42 9.35
C GLU D 129 -32.05 -8.02 9.43
N LYS D 130 -33.07 -7.22 9.14
CA LYS D 130 -34.46 -7.68 8.93
C LYS D 130 -34.58 -8.79 7.88
N ASN D 131 -33.73 -8.74 6.85
CA ASN D 131 -33.80 -9.71 5.79
C ASN D 131 -32.49 -10.43 5.55
N GLY D 132 -31.64 -10.52 6.55
CA GLY D 132 -30.51 -11.44 6.47
C GLY D 132 -29.27 -10.77 5.90
N GLY D 133 -29.25 -9.44 5.83
CA GLY D 133 -27.96 -8.78 5.39
C GLY D 133 -28.10 -7.78 4.29
N GLY D 134 -26.96 -7.41 3.67
CA GLY D 134 -26.99 -6.42 2.59
C GLY D 134 -25.58 -6.08 2.17
N HIS D 135 -25.47 -5.03 1.39
CA HIS D 135 -24.18 -4.56 0.88
C HIS D 135 -24.14 -3.04 1.11
N ILE D 136 -22.92 -2.59 1.49
CA ILE D 136 -22.63 -1.18 1.65
C ILE D 136 -21.42 -0.85 0.74
N VAL D 137 -21.56 0.15 -0.15
CA VAL D 137 -20.39 0.55 -0.93
C VAL D 137 -20.26 2.08 -0.77
N SER D 138 -19.04 2.54 -0.51
CA SER D 138 -18.83 4.00 -0.47
C SER D 138 -18.01 4.46 -1.67
N ILE D 139 -18.06 5.75 -2.03
CA ILE D 139 -17.34 6.26 -3.21
C ILE D 139 -16.18 7.13 -2.69
N SER D 140 -14.98 6.90 -3.20
CA SER D 140 -13.79 7.58 -2.73
C SER D 140 -13.07 8.09 -3.96
N SER D 141 -11.85 8.60 -3.75
CA SER D 141 -11.08 9.17 -4.88
C SER D 141 -9.59 8.97 -4.58
N LEU D 142 -8.76 9.15 -5.60
CA LEU D 142 -7.32 9.02 -5.46
C LEU D 142 -6.74 9.99 -4.43
N GLY D 143 -7.48 11.06 -4.10
CA GLY D 143 -6.93 11.93 -3.08
C GLY D 143 -6.90 11.39 -1.66
N SER D 144 -7.45 10.21 -1.43
CA SER D 144 -7.34 9.61 -0.09
C SER D 144 -5.92 9.16 0.13
N ILE D 145 -5.23 8.77 -0.93
CA ILE D 145 -3.89 8.18 -0.73
C ILE D 145 -2.78 8.94 -1.44
N ARG D 146 -3.14 9.85 -2.29
CA ARG D 146 -2.21 10.73 -3.01
C ARG D 146 -2.56 12.17 -2.78
N TYR D 147 -1.74 13.08 -3.31
CA TYR D 147 -1.98 14.52 -3.11
C TYR D 147 -2.74 15.04 -4.33
N LEU D 148 -3.91 15.64 -4.14
CA LEU D 148 -4.54 16.47 -5.19
C LEU D 148 -4.57 17.92 -4.76
N GLU D 149 -4.21 18.80 -5.64
CA GLU D 149 -4.12 20.22 -5.32
C GLU D 149 -5.42 20.83 -4.73
N ASN D 150 -5.23 21.53 -3.63
CA ASN D 150 -6.25 22.19 -2.79
C ASN D 150 -7.30 21.19 -2.23
N TYR D 151 -7.02 19.89 -2.28
CA TYR D 151 -8.06 18.92 -1.97
C TYR D 151 -7.96 18.41 -0.51
N THR D 152 -7.09 19.04 0.29
CA THR D 152 -6.84 18.50 1.68
C THR D 152 -8.09 18.08 2.46
N THR D 153 -9.09 18.97 2.57
CA THR D 153 -10.25 18.63 3.46
C THR D 153 -10.90 17.35 2.93
N VAL D 154 -11.09 17.29 1.59
CA VAL D 154 -11.77 16.18 0.96
C VAL D 154 -10.87 14.94 1.04
N GLY D 155 -9.58 15.09 0.74
CA GLY D 155 -8.67 13.90 0.70
C GLY D 155 -8.59 13.27 2.07
N VAL D 156 -8.44 14.12 3.08
CA VAL D 156 -8.37 13.64 4.48
C VAL D 156 -9.73 12.91 4.82
N SER D 157 -10.85 13.50 4.37
CA SER D 157 -12.15 12.84 4.67
C SER D 157 -12.28 11.50 3.92
N LYS D 158 -11.70 11.37 2.72
CA LYS D 158 -11.85 10.10 1.96
C LYS D 158 -10.94 9.08 2.60
N ALA D 159 -9.78 9.51 3.12
CA ALA D 159 -8.91 8.50 3.83
C ALA D 159 -9.68 7.98 5.08
N ALA D 160 -10.38 8.90 5.80
CA ALA D 160 -11.22 8.48 6.92
C ALA D 160 -12.32 7.51 6.45
N LEU D 161 -12.95 7.81 5.31
CA LEU D 161 -14.01 6.98 4.81
C LEU D 161 -13.52 5.57 4.46
N GLU D 162 -12.35 5.46 3.85
CA GLU D 162 -11.80 4.16 3.51
C GLU D 162 -11.41 3.37 4.77
N ALA D 163 -10.89 4.06 5.75
CA ALA D 163 -10.60 3.37 7.01
C ALA D 163 -11.91 2.92 7.69
N LEU D 164 -12.93 3.78 7.67
CA LEU D 164 -14.22 3.35 8.24
C LEU D 164 -14.78 2.15 7.47
N THR D 165 -14.59 2.17 6.16
CA THR D 165 -14.98 1.01 5.30
C THR D 165 -14.32 -0.27 5.81
N ARG D 166 -13.04 -0.21 6.21
CA ARG D 166 -12.36 -1.43 6.74
C ARG D 166 -12.99 -1.85 8.09
N TYR D 167 -13.25 -0.87 8.97
CA TYR D 167 -13.77 -1.21 10.31
C TYR D 167 -15.19 -1.76 10.20
N LEU D 168 -16.03 -1.10 9.38
CA LEU D 168 -17.40 -1.60 9.12
C LEU D 168 -17.34 -2.99 8.47
N ALA D 169 -16.44 -3.21 7.51
CA ALA D 169 -16.40 -4.50 6.83
C ALA D 169 -16.14 -5.65 7.82
N VAL D 170 -15.31 -5.40 8.83
CA VAL D 170 -15.04 -6.49 9.82
C VAL D 170 -16.24 -6.57 10.77
N GLU D 171 -16.61 -5.45 11.36
CA GLU D 171 -17.61 -5.56 12.48
C GLU D 171 -19.03 -5.84 11.96
N LEU D 172 -19.34 -5.48 10.70
CA LEU D 172 -20.68 -5.85 10.17
C LEU D 172 -20.75 -7.23 9.51
N SER D 173 -19.61 -7.96 9.39
CA SER D 173 -19.64 -9.26 8.75
C SER D 173 -20.61 -10.22 9.51
N PRO D 174 -20.67 -10.16 10.87
CA PRO D 174 -21.62 -11.10 11.60
C PRO D 174 -23.07 -10.87 11.22
N LYS D 175 -23.41 -9.67 10.70
CA LYS D 175 -24.74 -9.37 10.25
C LYS D 175 -24.93 -9.68 8.77
N GLN D 176 -23.91 -10.28 8.14
CA GLN D 176 -23.92 -10.63 6.71
C GLN D 176 -24.08 -9.38 5.88
N ILE D 177 -23.43 -8.34 6.34
CA ILE D 177 -23.37 -7.12 5.51
C ILE D 177 -21.93 -6.97 4.96
N ILE D 178 -21.85 -6.79 3.63
CA ILE D 178 -20.58 -6.80 2.88
C ILE D 178 -20.20 -5.39 2.53
N VAL D 179 -19.04 -4.88 2.99
CA VAL D 179 -18.79 -3.43 2.93
C VAL D 179 -17.47 -3.17 2.17
N ASN D 180 -17.53 -2.31 1.13
CA ASN D 180 -16.32 -1.97 0.35
C ASN D 180 -16.41 -0.59 -0.15
N ALA D 181 -15.42 -0.16 -0.93
CA ALA D 181 -15.47 1.19 -1.48
C ALA D 181 -14.90 1.15 -2.95
N VAL D 182 -15.19 2.20 -3.73
CA VAL D 182 -14.71 2.32 -5.06
C VAL D 182 -14.08 3.71 -5.15
N SER D 183 -12.86 3.79 -5.67
CA SER D 183 -12.17 5.10 -5.68
C SER D 183 -12.02 5.42 -7.14
N GLY D 184 -12.43 6.61 -7.53
CA GLY D 184 -12.22 6.99 -8.95
C GLY D 184 -11.12 8.00 -9.25
N GLY D 185 -10.62 7.96 -10.48
CA GLY D 185 -9.83 9.14 -10.98
C GLY D 185 -10.86 10.20 -11.37
N ALA D 186 -10.39 11.27 -12.02
CA ALA D 186 -11.25 12.44 -12.31
C ALA D 186 -12.33 12.04 -13.28
N ILE D 187 -13.53 12.60 -13.08
CA ILE D 187 -14.73 12.32 -13.95
C ILE D 187 -15.38 13.70 -14.25
N ASP D 188 -15.83 13.90 -15.48
CA ASP D 188 -16.29 15.23 -15.88
C ASP D 188 -17.71 15.41 -15.38
N THR D 189 -17.91 15.69 -14.08
CA THR D 189 -19.26 15.89 -13.53
C THR D 189 -19.34 17.32 -13.00
N ASP D 190 -20.50 17.68 -12.44
CA ASP D 190 -20.65 19.04 -11.87
C ASP D 190 -19.71 19.27 -10.65
N ALA D 191 -19.24 18.18 -10.01
CA ALA D 191 -18.29 18.35 -8.90
C ALA D 191 -17.02 19.08 -9.30
N LEU D 192 -16.58 18.92 -10.55
CA LEU D 192 -15.28 19.53 -10.95
C LEU D 192 -15.33 21.02 -10.96
N LYS D 193 -16.55 21.56 -11.00
CA LYS D 193 -16.78 23.02 -10.97
C LYS D 193 -16.32 23.63 -9.65
N HIS D 194 -16.16 22.80 -8.61
CA HIS D 194 -15.64 23.31 -7.35
C HIS D 194 -14.15 23.61 -7.37
N PHE D 195 -13.43 23.03 -8.35
CA PHE D 195 -11.99 23.10 -8.43
C PHE D 195 -11.56 24.31 -9.31
N PRO D 196 -10.78 25.21 -8.77
CA PRO D 196 -10.15 26.27 -9.61
C PRO D 196 -9.25 25.68 -10.76
N ASN D 197 -8.66 24.49 -10.55
CA ASN D 197 -7.87 23.85 -11.61
C ASN D 197 -8.62 22.78 -12.41
N ARG D 198 -9.96 22.93 -12.53
CA ARG D 198 -10.75 22.03 -13.33
C ARG D 198 -10.17 21.70 -14.68
N GLU D 199 -9.80 22.73 -15.47
CA GLU D 199 -9.23 22.45 -16.79
C GLU D 199 -7.92 21.59 -16.74
N ASP D 200 -7.05 21.84 -15.76
CA ASP D 200 -5.82 21.03 -15.55
C ASP D 200 -6.16 19.56 -15.24
N LEU D 201 -7.17 19.35 -14.39
CA LEU D 201 -7.58 17.98 -14.04
C LEU D 201 -8.11 17.21 -15.24
N LEU D 202 -8.99 17.84 -16.04
CA LEU D 202 -9.49 17.23 -17.26
C LEU D 202 -8.36 16.96 -18.28
N GLU D 203 -7.47 17.93 -18.48
CA GLU D 203 -6.41 17.74 -19.42
C GLU D 203 -5.45 16.57 -18.95
N ASP D 204 -5.15 16.56 -17.66
CA ASP D 204 -4.34 15.45 -17.13
C ASP D 204 -5.03 14.13 -17.38
N ALA D 205 -6.34 14.07 -17.12
CA ALA D 205 -7.08 12.80 -17.23
C ALA D 205 -7.12 12.37 -18.69
N ARG D 206 -7.29 13.35 -19.58
CA ARG D 206 -7.36 13.05 -20.99
C ARG D 206 -6.05 12.60 -21.61
N GLN D 207 -4.98 13.20 -21.18
CA GLN D 207 -3.71 12.96 -21.82
C GLN D 207 -2.84 11.93 -21.13
N ASN D 208 -3.05 11.73 -19.82
CA ASN D 208 -2.10 10.91 -19.06
C ASN D 208 -2.67 9.58 -18.60
N THR D 209 -3.94 9.36 -18.83
CA THR D 209 -4.53 8.11 -18.39
C THR D 209 -4.14 7.03 -19.38
N PRO D 210 -3.52 5.92 -18.92
CA PRO D 210 -3.03 4.91 -19.89
C PRO D 210 -4.11 4.38 -20.77
N ALA D 211 -5.31 4.21 -20.23
CA ALA D 211 -6.41 3.67 -21.06
C ALA D 211 -6.70 4.48 -22.30
N GLY D 212 -6.30 5.75 -22.30
CA GLY D 212 -6.45 6.62 -23.47
C GLY D 212 -7.75 7.39 -23.48
N ARG D 213 -8.47 7.39 -22.36
CA ARG D 213 -9.70 8.24 -22.22
C ARG D 213 -9.92 8.48 -20.72
N MET D 214 -10.83 9.37 -20.38
CA MET D 214 -11.18 9.62 -18.97
C MET D 214 -12.08 8.54 -18.44
N VAL D 215 -12.02 8.36 -17.10
CA VAL D 215 -13.08 7.60 -16.44
C VAL D 215 -14.44 8.29 -16.68
N GLU D 216 -15.50 7.47 -16.91
CA GLU D 216 -16.89 8.04 -17.00
C GLU D 216 -17.72 7.52 -15.84
N ILE D 217 -18.84 8.21 -15.57
CA ILE D 217 -19.74 7.79 -14.50
C ILE D 217 -20.04 6.33 -14.64
N LYS D 218 -20.26 5.88 -15.88
CA LYS D 218 -20.64 4.49 -16.11
C LYS D 218 -19.60 3.50 -15.50
N ASP D 219 -18.33 3.85 -15.58
CA ASP D 219 -17.26 2.93 -15.09
C ASP D 219 -17.40 2.79 -13.60
N MET D 220 -17.71 3.89 -12.92
CA MET D 220 -17.83 3.85 -11.44
C MET D 220 -19.05 2.96 -11.10
N VAL D 221 -20.15 3.20 -11.83
CA VAL D 221 -21.40 2.46 -11.53
C VAL D 221 -21.22 0.95 -11.83
N ASP D 222 -20.48 0.65 -12.88
CA ASP D 222 -20.19 -0.76 -13.20
C ASP D 222 -19.54 -1.50 -12.02
N THR D 223 -18.63 -0.83 -11.31
CA THR D 223 -17.98 -1.47 -10.14
C THR D 223 -18.90 -1.55 -8.95
N VAL D 224 -19.66 -0.48 -8.71
CA VAL D 224 -20.71 -0.57 -7.67
C VAL D 224 -21.65 -1.73 -7.94
N GLU D 225 -22.09 -1.87 -9.20
CA GLU D 225 -23.11 -2.91 -9.50
C GLU D 225 -22.47 -4.30 -9.17
N PHE D 226 -21.19 -4.45 -9.49
CA PHE D 226 -20.48 -5.73 -9.24
C PHE D 226 -20.41 -5.96 -7.72
N LEU D 227 -20.06 -4.93 -7.01
CA LEU D 227 -19.87 -5.10 -5.56
C LEU D 227 -21.16 -5.45 -4.82
N VAL D 228 -22.30 -5.03 -5.35
CA VAL D 228 -23.57 -5.43 -4.67
C VAL D 228 -24.28 -6.65 -5.26
N SER D 229 -23.64 -7.38 -6.18
CA SER D 229 -24.28 -8.37 -7.02
C SER D 229 -24.45 -9.80 -6.44
N SER D 230 -23.87 -10.06 -5.28
CA SER D 230 -23.65 -11.42 -4.71
C SER D 230 -22.45 -12.14 -5.33
N LYS D 231 -21.81 -11.57 -6.35
CA LYS D 231 -20.61 -12.20 -6.93
C LYS D 231 -19.31 -11.67 -6.32
N ALA D 232 -19.46 -10.77 -5.36
CA ALA D 232 -18.34 -10.07 -4.75
C ALA D 232 -18.43 -10.24 -3.24
N ASP D 233 -19.16 -11.26 -2.74
CA ASP D 233 -19.35 -11.32 -1.26
C ASP D 233 -18.12 -11.67 -0.40
N MET D 234 -17.01 -12.11 -1.00
CA MET D 234 -15.77 -12.37 -0.26
C MET D 234 -14.73 -11.30 -0.51
N ILE D 235 -15.13 -10.22 -1.18
CA ILE D 235 -14.26 -9.02 -1.18
C ILE D 235 -14.80 -8.18 -0.01
N ARG D 236 -13.96 -7.86 0.97
CA ARG D 236 -14.44 -7.12 2.15
C ARG D 236 -13.43 -6.11 2.59
N GLY D 237 -13.89 -4.87 2.80
CA GLY D 237 -13.03 -3.77 3.31
C GLY D 237 -12.07 -3.27 2.30
N GLN D 238 -12.30 -3.60 1.03
CA GLN D 238 -11.35 -3.20 -0.01
C GLN D 238 -11.82 -1.92 -0.71
N THR D 239 -10.83 -1.12 -1.22
CA THR D 239 -11.20 0.03 -2.05
C THR D 239 -10.70 -0.32 -3.46
N ILE D 240 -11.58 -0.47 -4.41
CA ILE D 240 -11.21 -0.84 -5.77
C ILE D 240 -10.99 0.46 -6.55
N ILE D 241 -9.78 0.59 -7.12
CA ILE D 241 -9.43 1.85 -7.85
C ILE D 241 -9.86 1.72 -9.34
N VAL D 242 -10.69 2.67 -9.79
CA VAL D 242 -11.20 2.74 -11.12
C VAL D 242 -10.64 4.06 -11.72
N ASP D 243 -9.50 3.94 -12.42
CA ASP D 243 -8.80 5.19 -12.90
C ASP D 243 -8.12 5.08 -14.23
N GLY D 244 -8.44 4.04 -15.00
CA GLY D 244 -7.83 3.86 -16.34
C GLY D 244 -6.33 3.57 -16.24
N GLY D 245 -5.82 3.38 -15.04
CA GLY D 245 -4.38 3.13 -14.85
C GLY D 245 -3.63 4.40 -14.47
N ARG D 246 -4.33 5.52 -14.30
CA ARG D 246 -3.62 6.80 -14.07
C ARG D 246 -2.70 6.73 -12.88
N SER D 247 -3.14 6.12 -11.79
CA SER D 247 -2.34 6.20 -10.55
C SER D 247 -1.08 5.32 -10.62
N LEU D 248 -0.95 4.50 -11.66
CA LEU D 248 0.25 3.65 -11.77
C LEU D 248 1.47 4.48 -12.17
N LEU D 249 1.22 5.57 -12.88
CA LEU D 249 2.36 6.29 -13.48
C LEU D 249 3.14 7.02 -12.40
N VAL D 250 4.44 7.21 -12.66
CA VAL D 250 5.29 8.07 -11.80
C VAL D 250 6.16 9.10 -12.54
N LEU D 251 5.57 9.70 -13.64
CA LEU D 251 6.30 10.24 -14.83
C LEU D 251 7.80 10.66 -14.63
#